data_3FF3
#
_entry.id   3FF3
#
_cell.length_a   122.535
_cell.length_b   104.128
_cell.length_c   77.584
_cell.angle_alpha   90.00
_cell.angle_beta   107.98
_cell.angle_gamma   90.00
#
_symmetry.space_group_name_H-M   'C 1 2 1'
#
loop_
_entity.id
_entity.type
_entity.pdbx_description
1 polymer 'Glutamate carboxypeptidase III'
2 branched 2-acetamido-2-deoxy-beta-D-glucopyranose-(1-4)-2-acetamido-2-deoxy-beta-D-glucopyranose
3 non-polymer 2-acetamido-2-deoxy-beta-D-glucopyranose
4 non-polymer 'ZINC ION'
5 non-polymer 'CHLORIDE ION'
6 non-polymer 'CALCIUM ION'
7 non-polymer 'GLUTAMIC ACID'
8 non-polymer GLYCEROL
9 water water
#
_entity_poly.entity_id   1
_entity_poly.type   'polypeptide(L)'
_entity_poly.pdbx_seq_one_letter_code
;RSETTTSVRYHQSIRWKLVSEMKAENIKSFLRSFTKLPHLAGTEQNFLLAKKIQTQWKKFGLDSAKLVHYDVLLSYPNET
NANYISIVDEHETEIFKTSYLEPPPDGYENVTNIVPPYNAFSAQGMPEGDLVYVNYARTEDFFKLEREMGINCTGKIVIA
RYGKIFRGNKVKNAMLAGAIGIILYSDPADYFAPEVQPYPKGWNLPGTAAQRGNVLNLNGAGDPLTPGYPAKEYTFRLDV
EEGVGIPRIPVHPIGYNDAEILLRYLGGIAPPDKSWKGALNVSYSIGPGFTGSDSFRKVRMHVYNINKITRIYNVVGTIR
GSVEPDRYVILGGHRDSWVFGAIDPTSGVAVLQEIARSFGKLMSKGWRPRRTIIFASWDAEEFGLLGSTEWAEENVKILQ
ERSIAYINSDSSIEGNYTLRVDCTPLLYQLVYKLTKEIPSPDDGFESKSLYESWLEKDPSPENKNLPRINKLGSGSDFEA
YFQRLGIASGRARYTKNKKTDKYSSYPVYHTIYETFELVEKFYDPTFKKQLSVAQLRGALVYELVDSKIIPFNIQDYAEA
LKNYAASIYNLSKKHDQQLTDHGVSFDSLFSAVKNFSEAASDFHKRLIQVDLNNPIAVRMMNDQLMLLERAFIDPLGLPG
KLFYRHIIFAPSSHNKYAGESFPGIYDAIFDIENKANSRLAWKEVKKHISIAAFTIQAAAGTLKEVL
;
_entity_poly.pdbx_strand_id   A
#
loop_
_chem_comp.id
_chem_comp.type
_chem_comp.name
_chem_comp.formula
CA non-polymer 'CALCIUM ION' 'Ca 2'
CL non-polymer 'CHLORIDE ION' 'Cl -1'
GOL non-polymer GLYCEROL 'C3 H8 O3'
NAG D-saccharide, beta linking 2-acetamido-2-deoxy-beta-D-glucopyranose 'C8 H15 N O6'
ZN non-polymer 'ZINC ION' 'Zn 2'
#
# COMPACT_ATOMS: atom_id res chain seq x y z
N SER A 13 -27.85 -14.91 -13.60
CA SER A 13 -27.93 -13.56 -13.02
C SER A 13 -27.04 -12.54 -13.79
N ILE A 14 -27.31 -11.27 -13.56
CA ILE A 14 -26.46 -10.22 -14.15
C ILE A 14 -25.01 -10.37 -13.62
N ARG A 15 -24.85 -10.66 -12.33
CA ARG A 15 -23.51 -10.87 -11.81
C ARG A 15 -22.81 -12.01 -12.57
N TRP A 16 -23.50 -13.12 -12.79
CA TRP A 16 -22.86 -14.20 -13.50
C TRP A 16 -22.49 -13.78 -14.93
N LYS A 17 -23.34 -12.99 -15.59
CA LYS A 17 -23.04 -12.50 -16.95
C LYS A 17 -21.78 -11.61 -16.91
N LEU A 18 -21.67 -10.78 -15.88
CA LEU A 18 -20.49 -9.90 -15.77
C LEU A 18 -19.18 -10.71 -15.63
N VAL A 19 -19.23 -11.70 -14.73
CA VAL A 19 -18.06 -12.52 -14.41
C VAL A 19 -17.70 -13.42 -15.59
N SER A 20 -18.72 -14.06 -16.18
CA SER A 20 -18.44 -15.06 -17.23
C SER A 20 -17.99 -14.42 -18.55
N GLU A 21 -18.33 -13.14 -18.74
CA GLU A 21 -17.91 -12.41 -19.94
C GLU A 21 -16.40 -12.10 -19.94
N MET A 22 -15.83 -11.97 -18.74
CA MET A 22 -14.39 -11.68 -18.66
C MET A 22 -13.56 -12.86 -19.15
N LYS A 23 -12.49 -12.59 -19.91
CA LYS A 23 -11.69 -13.66 -20.50
C LYS A 23 -10.20 -13.51 -20.22
N ALA A 24 -9.57 -14.63 -19.86
CA ALA A 24 -8.12 -14.61 -19.63
C ALA A 24 -7.39 -14.07 -20.88
N GLU A 25 -7.84 -14.44 -22.09
CA GLU A 25 -7.07 -14.03 -23.27
C GLU A 25 -7.16 -12.52 -23.49
N ASN A 26 -8.28 -11.89 -23.07
CA ASN A 26 -8.38 -10.44 -23.19
C ASN A 26 -7.46 -9.74 -22.23
N ILE A 27 -7.35 -10.26 -20.99
CA ILE A 27 -6.42 -9.65 -20.03
C ILE A 27 -4.98 -9.78 -20.59
N LYS A 28 -4.67 -10.94 -21.19
CA LYS A 28 -3.32 -11.16 -21.74
C LYS A 28 -3.07 -10.12 -22.86
N SER A 29 -4.04 -9.93 -23.77
CA SER A 29 -3.83 -9.00 -24.85
C SER A 29 -3.73 -7.56 -24.36
N PHE A 30 -4.57 -7.17 -23.38
CA PHE A 30 -4.39 -5.84 -22.82
C PHE A 30 -2.96 -5.73 -22.22
N LEU A 31 -2.57 -6.70 -21.40
CA LEU A 31 -1.26 -6.57 -20.73
C LEU A 31 -0.11 -6.43 -21.76
N ARG A 32 -0.15 -7.25 -22.81
CA ARG A 32 0.91 -7.15 -23.82
C ARG A 32 0.90 -5.74 -24.43
N SER A 33 -0.28 -5.18 -24.70
CA SER A 33 -0.37 -3.90 -25.40
C SER A 33 0.09 -2.75 -24.53
N PHE A 34 0.12 -2.92 -23.21
CA PHE A 34 0.48 -1.82 -22.31
C PHE A 34 1.88 -1.92 -21.72
N THR A 35 2.66 -2.92 -22.13
CA THR A 35 3.95 -3.18 -21.49
C THR A 35 5.10 -3.20 -22.51
N LYS A 36 4.85 -2.69 -23.72
CA LYS A 36 5.93 -2.67 -24.73
C LYS A 36 6.97 -1.58 -24.45
N LEU A 37 6.54 -0.51 -23.79
CA LEU A 37 7.41 0.66 -23.56
C LEU A 37 7.24 1.08 -22.11
N PRO A 38 8.23 1.80 -21.58
CA PRO A 38 8.09 2.33 -20.19
C PRO A 38 6.94 3.33 -20.10
N HIS A 39 6.33 3.48 -18.94
CA HIS A 39 5.26 4.45 -18.78
C HIS A 39 5.37 5.06 -17.38
N LEU A 40 6.49 5.74 -17.18
CA LEU A 40 6.82 6.51 -15.95
C LEU A 40 5.88 7.72 -15.84
N ALA A 41 5.43 8.04 -14.63
CA ALA A 41 4.59 9.21 -14.45
C ALA A 41 5.27 10.45 -14.93
N GLY A 42 4.47 11.29 -15.57
CA GLY A 42 4.89 12.60 -16.03
C GLY A 42 5.59 12.54 -17.37
N THR A 43 5.69 11.38 -18.00
CA THR A 43 6.34 11.29 -19.28
C THR A 43 5.33 11.13 -20.40
N GLU A 44 5.74 11.41 -21.62
CA GLU A 44 4.82 11.33 -22.73
C GLU A 44 4.16 9.95 -22.88
N GLN A 45 4.90 8.88 -22.66
CA GLN A 45 4.32 7.57 -22.85
C GLN A 45 3.17 7.31 -21.88
N ASN A 46 3.30 7.81 -20.65
CA ASN A 46 2.18 7.56 -19.74
C ASN A 46 0.96 8.43 -20.00
N PHE A 47 1.14 9.56 -20.68
CA PHE A 47 0.01 10.35 -21.15
C PHE A 47 -0.63 9.62 -22.36
N LEU A 48 0.18 9.11 -23.27
CA LEU A 48 -0.38 8.32 -24.36
C LEU A 48 -1.18 7.12 -23.84
N LEU A 49 -0.69 6.46 -22.81
CA LEU A 49 -1.41 5.31 -22.24
C LEU A 49 -2.77 5.80 -21.66
N ALA A 50 -2.77 6.98 -21.02
CA ALA A 50 -4.06 7.53 -20.54
C ALA A 50 -5.03 7.71 -21.68
N LYS A 51 -4.54 8.26 -22.81
CA LYS A 51 -5.44 8.47 -23.95
C LYS A 51 -5.96 7.15 -24.52
N LYS A 52 -5.10 6.12 -24.54
CA LYS A 52 -5.51 4.78 -25.02
C LYS A 52 -6.62 4.23 -24.11
N ILE A 53 -6.43 4.34 -22.78
CA ILE A 53 -7.46 3.85 -21.85
C ILE A 53 -8.75 4.62 -22.03
N GLN A 54 -8.66 5.95 -22.18
CA GLN A 54 -9.86 6.75 -22.39
C GLN A 54 -10.61 6.33 -23.67
N THR A 55 -9.88 6.13 -24.76
CA THR A 55 -10.53 5.72 -26.01
C THR A 55 -11.21 4.37 -25.78
N GLN A 56 -10.55 3.45 -25.09
CA GLN A 56 -11.16 2.15 -24.85
C GLN A 56 -12.43 2.28 -24.02
N TRP A 57 -12.41 3.07 -22.94
CA TRP A 57 -13.62 3.23 -22.14
C TRP A 57 -14.78 3.79 -22.95
N LYS A 58 -14.49 4.74 -23.85
CA LYS A 58 -15.58 5.27 -24.67
C LYS A 58 -16.13 4.16 -25.58
N LYS A 59 -15.24 3.39 -26.17
CA LYS A 59 -15.69 2.24 -27.02
C LYS A 59 -16.54 1.25 -26.24
N PHE A 60 -16.14 1.01 -24.98
CA PHE A 60 -16.87 0.04 -24.15
C PHE A 60 -18.28 0.54 -23.82
N GLY A 61 -18.53 1.85 -23.97
CA GLY A 61 -19.84 2.41 -23.72
C GLY A 61 -20.03 3.12 -22.38
N LEU A 62 -18.94 3.47 -21.71
CA LEU A 62 -19.08 4.27 -20.47
C LEU A 62 -19.75 5.60 -20.79
N ASP A 63 -20.43 6.17 -19.81
CA ASP A 63 -21.12 7.45 -20.03
C ASP A 63 -20.16 8.60 -20.19
N SER A 64 -18.97 8.52 -19.56
CA SER A 64 -17.97 9.58 -19.65
C SER A 64 -16.61 8.94 -19.45
N ALA A 65 -15.60 9.59 -20.00
CA ALA A 65 -14.19 9.16 -19.79
C ALA A 65 -13.34 10.39 -20.10
N LYS A 66 -12.89 11.04 -19.02
CA LYS A 66 -12.23 12.37 -19.08
C LYS A 66 -10.81 12.29 -18.52
N LEU A 67 -9.87 13.07 -19.07
CA LEU A 67 -8.59 13.26 -18.39
C LEU A 67 -8.69 14.39 -17.38
N VAL A 68 -8.21 14.12 -16.17
CA VAL A 68 -8.25 15.11 -15.09
C VAL A 68 -6.80 15.30 -14.68
N HIS A 69 -6.30 16.51 -14.82
CA HIS A 69 -4.86 16.75 -14.55
C HIS A 69 -4.58 17.53 -13.29
N TYR A 70 -3.34 17.35 -12.83
CA TYR A 70 -2.82 18.13 -11.68
C TYR A 70 -1.35 18.44 -11.97
N ASP A 71 -0.80 19.45 -11.31
CA ASP A 71 0.65 19.76 -11.52
C ASP A 71 1.30 19.55 -10.16
N VAL A 72 2.07 18.45 -10.05
CA VAL A 72 2.54 17.99 -8.75
C VAL A 72 4.09 17.89 -8.77
N LEU A 73 4.70 17.90 -7.58
CA LEU A 73 6.14 17.73 -7.57
C LEU A 73 6.53 16.26 -7.90
N LEU A 74 7.33 16.03 -8.97
CA LEU A 74 7.91 14.72 -9.24
C LEU A 74 9.42 14.85 -9.19
N SER A 75 10.14 13.76 -9.36
CA SER A 75 11.59 13.72 -9.18
C SER A 75 12.18 12.75 -10.18
N TYR A 76 13.26 13.16 -10.85
CA TYR A 76 13.89 12.33 -11.86
C TYR A 76 15.41 12.50 -11.80
N PRO A 77 16.15 11.49 -12.25
CA PRO A 77 17.62 11.68 -12.30
C PRO A 77 17.96 12.81 -13.29
N ASN A 78 19.13 13.42 -13.08
CA ASN A 78 19.63 14.42 -14.02
C ASN A 78 20.42 13.70 -15.07
N GLU A 79 19.97 13.84 -16.34
CA GLU A 79 20.57 13.11 -17.46
C GLU A 79 22.03 13.52 -17.67
N THR A 80 22.44 14.69 -17.19
CA THR A 80 23.82 15.11 -17.41
C THR A 80 24.65 15.22 -16.11
N ASN A 81 24.12 14.69 -15.01
CA ASN A 81 24.90 14.55 -13.79
C ASN A 81 24.47 13.24 -13.11
N ALA A 82 24.97 12.11 -13.62
CA ALA A 82 24.52 10.78 -13.16
C ALA A 82 24.86 10.50 -11.69
N ASN A 83 23.95 9.76 -11.05
CA ASN A 83 24.16 9.37 -9.65
C ASN A 83 25.13 8.19 -9.55
N TYR A 84 25.83 8.10 -8.41
CA TYR A 84 26.70 6.92 -8.20
C TYR A 84 27.13 6.90 -6.74
N ILE A 85 27.64 5.75 -6.33
CA ILE A 85 28.33 5.60 -5.04
C ILE A 85 29.77 5.19 -5.39
N SER A 86 30.71 5.69 -4.63
CA SER A 86 32.12 5.28 -4.86
C SER A 86 32.80 4.95 -3.55
N ILE A 87 33.95 4.32 -3.70
CA ILE A 87 34.86 4.09 -2.56
C ILE A 87 36.16 4.83 -2.92
N VAL A 88 36.69 5.63 -1.97
CA VAL A 88 37.96 6.32 -2.24
C VAL A 88 38.99 5.89 -1.24
N ASP A 89 40.27 6.00 -1.61
CA ASP A 89 41.36 5.75 -0.67
C ASP A 89 41.70 7.02 0.10
N GLU A 90 42.76 6.93 0.86
CA GLU A 90 43.11 8.10 1.69
C GLU A 90 43.74 9.24 0.88
N HIS A 91 43.95 9.00 -0.41
CA HIS A 91 44.52 10.01 -1.33
C HIS A 91 43.46 10.60 -2.21
N GLU A 92 42.19 10.35 -1.85
CA GLU A 92 41.00 10.71 -2.64
C GLU A 92 40.88 10.10 -4.03
N THR A 93 41.57 8.99 -4.24
CA THR A 93 41.48 8.33 -5.51
C THR A 93 40.26 7.41 -5.48
N GLU A 94 39.44 7.49 -6.51
CA GLU A 94 38.31 6.57 -6.64
C GLU A 94 38.80 5.18 -7.01
N ILE A 95 38.46 4.21 -6.14
CA ILE A 95 38.91 2.85 -6.29
C ILE A 95 37.79 2.01 -6.90
N PHE A 96 36.53 2.39 -6.61
CA PHE A 96 35.41 1.64 -7.09
C PHE A 96 34.27 2.62 -7.28
N LYS A 97 33.46 2.41 -8.31
CA LYS A 97 32.28 3.26 -8.56
C LYS A 97 31.12 2.32 -9.00
N THR A 98 29.93 2.52 -8.42
CA THR A 98 28.78 1.65 -8.68
C THR A 98 28.30 2.06 -10.07
N SER A 99 27.48 1.24 -10.72
CA SER A 99 27.28 1.58 -12.14
C SER A 99 25.87 2.00 -12.50
N PRO A 104 18.82 -2.93 -21.41
CA PRO A 104 17.44 -3.42 -21.24
C PRO A 104 17.31 -4.97 -21.29
N PRO A 105 16.18 -5.55 -20.79
CA PRO A 105 15.89 -7.00 -20.92
C PRO A 105 15.88 -7.48 -22.38
N ASP A 106 16.18 -8.76 -22.60
CA ASP A 106 16.18 -9.33 -23.94
C ASP A 106 14.88 -9.02 -24.67
N GLY A 107 14.97 -8.54 -25.92
CA GLY A 107 13.80 -8.13 -26.69
C GLY A 107 13.50 -6.64 -26.62
N TYR A 108 14.07 -5.98 -25.63
CA TYR A 108 13.81 -4.55 -25.39
C TYR A 108 15.07 -3.70 -25.63
N GLU A 109 15.99 -4.24 -26.43
CA GLU A 109 17.28 -3.56 -26.64
C GLU A 109 17.13 -2.18 -27.28
N ASN A 110 16.08 -1.97 -28.06
CA ASN A 110 15.93 -0.67 -28.71
C ASN A 110 15.10 0.37 -27.93
N VAL A 111 14.76 0.03 -26.69
CA VAL A 111 14.02 0.98 -25.86
C VAL A 111 14.98 1.99 -25.25
N THR A 112 14.75 3.29 -25.46
CA THR A 112 15.81 4.28 -25.19
C THR A 112 15.67 5.14 -23.92
N ASN A 113 14.48 5.11 -23.32
CA ASN A 113 14.15 6.00 -22.20
C ASN A 113 13.81 5.23 -20.93
N ILE A 114 14.52 4.14 -20.69
CA ILE A 114 14.39 3.47 -19.37
C ILE A 114 15.07 4.39 -18.33
N VAL A 115 14.34 4.75 -17.27
CA VAL A 115 14.93 5.64 -16.25
C VAL A 115 15.98 4.82 -15.46
N PRO A 116 17.16 5.41 -15.23
CA PRO A 116 18.13 4.60 -14.46
C PRO A 116 17.69 4.46 -12.99
N PRO A 117 18.27 3.50 -12.30
CA PRO A 117 17.80 3.34 -10.93
C PRO A 117 18.09 4.59 -10.08
N TYR A 118 17.13 4.94 -9.23
CA TYR A 118 17.30 6.06 -8.32
C TYR A 118 16.19 5.95 -7.32
N ASN A 119 16.28 6.75 -6.23
CA ASN A 119 15.17 6.84 -5.28
C ASN A 119 14.55 8.23 -5.38
N ALA A 120 13.33 8.31 -5.92
CA ALA A 120 12.72 9.59 -6.14
C ALA A 120 12.58 10.35 -4.81
N PHE A 121 12.90 11.63 -4.90
CA PHE A 121 12.84 12.64 -3.85
C PHE A 121 14.03 12.58 -2.90
N SER A 122 15.03 11.72 -3.18
CA SER A 122 16.31 11.82 -2.46
C SER A 122 16.77 13.27 -2.36
N ALA A 123 17.38 13.67 -1.24
CA ALA A 123 18.09 14.97 -1.27
C ALA A 123 19.28 14.90 -2.24
N GLN A 124 19.73 16.08 -2.67
CA GLN A 124 21.00 16.15 -3.43
C GLN A 124 22.17 16.22 -2.50
N GLY A 125 23.30 15.65 -2.92
CA GLY A 125 24.49 15.84 -2.10
C GLY A 125 25.62 14.91 -2.48
N MET A 126 26.78 15.20 -1.90
CA MET A 126 27.97 14.36 -2.13
C MET A 126 28.63 14.02 -0.77
N PRO A 127 27.86 13.41 0.13
CA PRO A 127 28.45 13.10 1.44
C PRO A 127 29.53 12.04 1.33
N GLU A 128 30.51 12.15 2.24
CA GLU A 128 31.61 11.19 2.31
C GLU A 128 31.81 10.82 3.76
N GLY A 129 32.03 9.53 4.03
CA GLY A 129 32.30 9.15 5.40
C GLY A 129 32.55 7.68 5.56
N ASP A 130 32.54 7.24 6.82
CA ASP A 130 32.64 5.79 7.10
C ASP A 130 31.27 5.16 6.86
N LEU A 131 31.33 3.90 6.44
CA LEU A 131 30.14 3.10 6.18
C LEU A 131 29.76 2.25 7.40
N VAL A 132 28.46 2.18 7.66
CA VAL A 132 27.89 1.30 8.72
C VAL A 132 26.74 0.53 8.07
N TYR A 133 26.71 -0.77 8.31
CA TYR A 133 25.65 -1.64 7.89
C TYR A 133 24.53 -1.67 8.97
N VAL A 134 23.30 -1.41 8.53
CA VAL A 134 22.15 -1.25 9.44
C VAL A 134 21.03 -2.25 9.26
N ASN A 135 21.33 -3.40 8.68
CA ASN A 135 20.32 -4.46 8.47
C ASN A 135 19.18 -3.85 7.61
N TYR A 136 17.93 -3.96 8.03
CA TYR A 136 16.81 -3.47 7.20
C TYR A 136 16.47 -2.02 7.54
N ALA A 137 17.28 -1.35 8.36
CA ALA A 137 17.00 0.05 8.77
C ALA A 137 15.58 0.17 9.37
N ARG A 138 15.11 -0.92 10.03
CA ARG A 138 13.88 -0.86 10.77
C ARG A 138 14.08 -0.10 12.10
N THR A 139 12.97 0.33 12.73
CA THR A 139 13.06 0.90 14.05
C THR A 139 13.82 -0.04 15.00
N GLU A 140 13.50 -1.35 14.99
CA GLU A 140 14.20 -2.27 15.93
C GLU A 140 15.66 -2.47 15.56
N ASP A 141 16.03 -2.27 14.29
CA ASP A 141 17.45 -2.39 13.93
C ASP A 141 18.21 -1.20 14.51
N PHE A 142 17.68 0.01 14.39
CA PHE A 142 18.38 1.15 14.94
C PHE A 142 18.36 1.14 16.51
N PHE A 143 17.29 0.68 17.13
CA PHE A 143 17.28 0.48 18.60
C PHE A 143 18.44 -0.45 18.94
N LYS A 144 18.58 -1.58 18.21
CA LYS A 144 19.64 -2.53 18.52
C LYS A 144 21.02 -1.90 18.39
N LEU A 145 21.23 -1.12 17.30
CA LEU A 145 22.51 -0.45 17.09
C LEU A 145 22.88 0.46 18.23
N GLU A 146 21.95 1.30 18.65
CA GLU A 146 22.24 2.31 19.69
C GLU A 146 22.24 1.76 21.12
N ARG A 147 21.34 0.81 21.38
CA ARG A 147 21.03 0.38 22.77
C ARG A 147 21.78 -0.88 23.15
N GLU A 148 22.17 -1.70 22.17
CA GLU A 148 22.84 -2.98 22.47
C GLU A 148 24.21 -3.10 21.88
N MET A 149 24.41 -2.55 20.69
CA MET A 149 25.64 -2.82 19.92
C MET A 149 26.67 -1.75 20.04
N GLY A 150 26.37 -0.62 20.72
CA GLY A 150 27.42 0.42 20.89
C GLY A 150 27.74 1.19 19.59
N ILE A 151 26.85 1.17 18.58
CA ILE A 151 27.13 1.83 17.29
C ILE A 151 26.40 3.18 17.24
N ASN A 152 27.14 4.22 16.88
CA ASN A 152 26.56 5.54 16.70
C ASN A 152 26.55 5.86 15.21
N CYS A 153 25.36 5.99 14.60
CA CYS A 153 25.33 6.27 13.16
C CYS A 153 25.48 7.76 12.79
N THR A 154 25.65 8.64 13.81
CA THR A 154 25.76 10.06 13.51
C THR A 154 26.99 10.33 12.70
N GLY A 155 26.80 11.02 11.57
CA GLY A 155 27.85 11.37 10.61
C GLY A 155 28.29 10.22 9.67
N LYS A 156 27.63 9.07 9.74
CA LYS A 156 28.02 7.92 8.91
C LYS A 156 27.18 7.86 7.65
N ILE A 157 27.74 7.24 6.61
CA ILE A 157 26.90 6.72 5.51
C ILE A 157 26.44 5.36 5.92
N VAL A 158 25.11 5.11 5.89
CA VAL A 158 24.64 3.79 6.28
C VAL A 158 24.23 3.03 5.01
N ILE A 159 24.33 1.71 5.07
CA ILE A 159 23.91 0.82 4.01
C ILE A 159 22.86 -0.12 4.60
N ALA A 160 21.68 -0.17 3.95
CA ALA A 160 20.56 -0.96 4.45
C ALA A 160 20.08 -1.88 3.36
N ARG A 161 19.70 -3.10 3.75
CA ARG A 161 18.97 -3.95 2.78
C ARG A 161 17.53 -3.57 2.67
N TYR A 162 17.06 -3.62 1.42
CA TYR A 162 15.63 -3.49 1.14
C TYR A 162 14.87 -4.66 1.79
N GLY A 163 13.57 -4.46 2.00
CA GLY A 163 12.74 -5.55 2.45
C GLY A 163 12.15 -5.25 3.79
N LYS A 164 11.09 -6.02 4.10
CA LYS A 164 10.35 -5.99 5.38
C LYS A 164 9.43 -4.80 5.56
N ILE A 165 9.95 -3.59 5.24
CA ILE A 165 9.18 -2.35 5.43
C ILE A 165 9.31 -1.42 4.23
N PHE A 166 8.39 -0.48 4.12
CA PHE A 166 8.51 0.59 3.14
C PHE A 166 9.84 1.36 3.19
N ARG A 167 10.46 1.59 2.02
CA ARG A 167 11.80 2.18 2.03
C ARG A 167 11.83 3.61 2.54
N GLY A 168 10.71 4.35 2.44
CA GLY A 168 10.73 5.69 3.03
C GLY A 168 10.84 5.65 4.54
N ASN A 169 10.32 4.58 5.17
CA ASN A 169 10.55 4.38 6.63
C ASN A 169 12.03 4.20 6.94
N LYS A 170 12.73 3.46 6.09
CA LYS A 170 14.18 3.26 6.32
C LYS A 170 14.91 4.59 6.32
N VAL A 171 14.53 5.45 5.37
CA VAL A 171 15.22 6.73 5.22
C VAL A 171 14.90 7.65 6.39
N LYS A 172 13.62 7.70 6.81
CA LYS A 172 13.22 8.42 8.02
C LYS A 172 14.07 7.93 9.21
N ASN A 173 14.18 6.62 9.38
CA ASN A 173 14.91 6.06 10.53
C ASN A 173 16.36 6.42 10.45
N ALA A 174 16.94 6.34 9.25
CA ALA A 174 18.38 6.75 9.13
C ALA A 174 18.62 8.20 9.43
N MET A 175 17.68 9.05 8.99
CA MET A 175 17.81 10.45 9.32
C MET A 175 17.73 10.67 10.85
N LEU A 176 16.81 9.99 11.54
CA LEU A 176 16.65 10.11 13.02
C LEU A 176 17.92 9.60 13.70
N ALA A 177 18.61 8.63 13.11
CA ALA A 177 19.84 8.05 13.74
C ALA A 177 21.06 8.91 13.46
N GLY A 178 20.90 9.96 12.65
CA GLY A 178 21.99 10.90 12.38
C GLY A 178 22.82 10.61 11.12
N ALA A 179 22.42 9.62 10.31
CA ALA A 179 23.24 9.31 9.10
C ALA A 179 23.28 10.54 8.15
N ILE A 180 24.32 10.60 7.31
CA ILE A 180 24.42 11.67 6.31
C ILE A 180 24.11 11.20 4.89
N GLY A 181 23.79 9.91 4.77
CA GLY A 181 23.38 9.33 3.46
C GLY A 181 22.96 7.92 3.73
N ILE A 182 22.10 7.37 2.88
CA ILE A 182 21.76 5.98 2.98
C ILE A 182 21.74 5.30 1.61
N ILE A 183 22.48 4.19 1.53
CA ILE A 183 22.50 3.35 0.36
C ILE A 183 21.53 2.19 0.63
N LEU A 184 20.62 1.94 -0.34
CA LEU A 184 19.66 0.81 -0.24
C LEU A 184 20.12 -0.26 -1.23
N TYR A 185 20.04 -1.53 -0.85
CA TYR A 185 20.39 -2.57 -1.81
C TYR A 185 19.51 -3.78 -1.65
N SER A 186 19.47 -4.59 -2.71
CA SER A 186 18.64 -5.79 -2.74
C SER A 186 19.50 -7.01 -2.37
N ASP A 187 19.32 -7.54 -1.17
CA ASP A 187 20.13 -8.71 -0.78
C ASP A 187 19.46 -9.95 -1.34
N PRO A 188 20.26 -10.90 -1.87
CA PRO A 188 19.57 -12.13 -2.35
C PRO A 188 18.79 -12.88 -1.27
N ALA A 189 19.15 -12.68 0.00
CA ALA A 189 18.34 -13.29 1.07
C ALA A 189 16.87 -12.93 0.91
N ASP A 190 16.65 -11.70 0.43
CA ASP A 190 15.31 -11.10 0.35
C ASP A 190 14.72 -11.06 -1.03
N TYR A 191 15.53 -11.17 -2.07
CA TYR A 191 15.01 -11.04 -3.44
C TYR A 191 15.51 -12.12 -4.40
N PHE A 192 15.95 -13.25 -3.86
CA PHE A 192 16.42 -14.31 -4.74
C PHE A 192 15.83 -15.58 -4.19
N ALA A 193 14.78 -16.07 -4.83
CA ALA A 193 14.10 -17.28 -4.39
C ALA A 193 15.03 -18.48 -4.58
N PRO A 194 15.00 -19.43 -3.63
CA PRO A 194 15.85 -20.61 -3.73
C PRO A 194 15.51 -21.45 -4.97
N GLU A 195 16.56 -21.97 -5.63
CA GLU A 195 16.49 -22.84 -6.83
C GLU A 195 15.69 -22.28 -7.98
N VAL A 196 15.75 -20.96 -8.11
CA VAL A 196 15.18 -20.29 -9.28
C VAL A 196 16.31 -19.55 -9.95
N GLN A 197 16.34 -19.57 -11.28
CA GLN A 197 17.37 -18.90 -12.05
C GLN A 197 17.06 -17.40 -12.19
N PRO A 198 18.10 -16.56 -12.34
CA PRO A 198 17.83 -15.12 -12.56
C PRO A 198 17.23 -14.90 -13.93
N TYR A 199 16.48 -13.83 -14.08
CA TYR A 199 15.97 -13.41 -15.38
C TYR A 199 17.15 -13.33 -16.35
N PRO A 200 16.98 -13.80 -17.60
CA PRO A 200 15.73 -14.23 -18.27
C PRO A 200 15.45 -15.72 -18.14
N LYS A 201 16.39 -16.50 -17.59
CA LYS A 201 16.15 -17.97 -17.53
C LYS A 201 15.09 -18.33 -16.48
N GLY A 202 14.98 -17.51 -15.43
CA GLY A 202 13.97 -17.70 -14.40
C GLY A 202 13.46 -16.32 -13.94
N TRP A 203 12.74 -16.31 -12.83
CA TRP A 203 12.10 -15.06 -12.36
C TRP A 203 12.82 -14.37 -11.22
N ASN A 204 14.07 -14.77 -10.99
CA ASN A 204 14.86 -14.16 -9.91
C ASN A 204 15.56 -12.88 -10.32
N LEU A 205 15.95 -12.12 -9.29
CA LEU A 205 16.64 -10.84 -9.51
C LEU A 205 18.11 -11.06 -9.87
N PRO A 206 18.58 -10.58 -11.03
CA PRO A 206 20.02 -10.60 -11.34
C PRO A 206 20.84 -9.65 -10.43
N GLY A 207 22.13 -9.90 -10.25
CA GLY A 207 22.94 -9.04 -9.35
C GLY A 207 23.21 -7.62 -9.88
N THR A 208 22.84 -7.35 -11.12
CA THR A 208 23.12 -6.04 -11.75
C THR A 208 21.94 -5.08 -11.55
N ALA A 209 20.80 -5.57 -11.04
CA ALA A 209 19.55 -4.78 -11.07
C ALA A 209 19.21 -4.13 -9.74
N ALA A 210 18.85 -2.85 -9.76
CA ALA A 210 18.48 -2.16 -8.55
C ALA A 210 16.96 -1.87 -8.54
N GLN A 211 16.41 -1.78 -7.34
CA GLN A 211 14.97 -1.49 -7.15
C GLN A 211 14.75 0.02 -7.03
N ARG A 212 13.93 0.58 -7.94
CA ARG A 212 13.53 1.99 -7.86
C ARG A 212 12.44 2.17 -6.78
N GLY A 213 12.22 3.42 -6.40
CA GLY A 213 11.04 3.71 -5.57
C GLY A 213 11.19 5.02 -4.82
N ASN A 214 10.08 5.68 -4.52
CA ASN A 214 10.18 6.93 -3.80
C ASN A 214 10.53 6.69 -2.34
N VAL A 215 11.16 7.73 -1.76
CA VAL A 215 11.58 7.70 -0.35
C VAL A 215 10.95 8.84 0.45
N LEU A 216 9.73 9.27 0.04
CA LEU A 216 9.03 10.26 0.85
C LEU A 216 8.44 9.65 2.14
N ASN A 217 8.17 10.53 3.09
CA ASN A 217 7.38 10.18 4.29
C ASN A 217 6.20 11.12 4.35
N LEU A 218 5.24 10.85 3.46
CA LEU A 218 4.11 11.78 3.27
C LEU A 218 3.00 11.65 4.32
N ASN A 219 2.85 10.44 4.91
CA ASN A 219 1.74 10.23 5.85
C ASN A 219 0.39 10.68 5.28
N GLY A 220 0.18 10.33 4.02
CA GLY A 220 -1.15 10.58 3.47
C GLY A 220 -1.30 11.94 2.80
N ALA A 221 -0.27 12.78 2.75
CA ALA A 221 -0.48 14.14 2.30
C ALA A 221 -0.77 14.33 0.83
N GLY A 222 -0.28 13.42 -0.03
CA GLY A 222 -0.37 13.65 -1.48
C GLY A 222 0.77 14.51 -2.00
N ASP A 223 0.53 15.29 -3.05
CA ASP A 223 1.62 16.12 -3.58
C ASP A 223 2.32 16.88 -2.42
N PRO A 224 3.67 16.78 -2.34
CA PRO A 224 4.40 17.43 -1.25
C PRO A 224 4.12 18.92 -1.13
N LEU A 225 3.78 19.59 -2.26
CA LEU A 225 3.68 21.05 -2.18
C LEU A 225 2.27 21.59 -1.83
N THR A 226 1.26 20.72 -1.84
CA THR A 226 -0.10 21.20 -1.70
C THR A 226 -0.95 20.36 -0.71
N PRO A 227 -0.42 20.09 0.49
CA PRO A 227 -1.16 19.23 1.43
C PRO A 227 -2.54 19.84 1.75
N GLY A 228 -3.59 19.02 1.58
CA GLY A 228 -4.94 19.44 1.93
C GLY A 228 -5.80 19.80 0.71
N TYR A 229 -5.18 20.23 -0.41
CA TYR A 229 -5.90 20.91 -1.50
C TYR A 229 -5.39 20.37 -2.81
N PRO A 230 -6.29 20.28 -3.81
CA PRO A 230 -5.81 19.73 -5.08
C PRO A 230 -4.84 20.67 -5.79
N ALA A 231 -3.87 20.07 -6.48
CA ALA A 231 -2.77 20.84 -7.08
C ALA A 231 -3.24 21.33 -8.49
N LYS A 232 -4.06 22.39 -8.47
CA LYS A 232 -4.60 23.02 -9.66
C LYS A 232 -3.66 24.13 -10.10
N GLU A 233 -4.00 24.80 -11.21
CA GLU A 233 -3.06 25.78 -11.75
C GLU A 233 -2.87 26.99 -10.83
N TYR A 234 -3.94 27.39 -10.14
CA TYR A 234 -3.91 28.60 -9.30
C TYR A 234 -3.44 28.31 -7.88
N THR A 235 -3.26 27.03 -7.52
CA THR A 235 -3.12 26.65 -6.12
C THR A 235 -1.84 27.15 -5.50
N PHE A 236 -1.98 27.58 -4.26
CA PHE A 236 -0.82 27.90 -3.44
C PHE A 236 0.09 26.68 -3.29
N ARG A 237 1.41 26.89 -3.42
CA ARG A 237 2.38 25.84 -3.20
C ARG A 237 3.36 26.21 -2.14
N LEU A 238 3.60 25.27 -1.24
CA LEU A 238 4.74 25.42 -0.31
C LEU A 238 6.03 25.63 -1.11
N ASP A 239 6.97 26.34 -0.50
CA ASP A 239 8.31 26.39 -1.07
C ASP A 239 8.85 24.96 -1.10
N VAL A 240 9.69 24.64 -2.09
CA VAL A 240 10.10 23.22 -2.20
C VAL A 240 10.86 22.73 -0.97
N GLU A 241 11.59 23.64 -0.33
CA GLU A 241 12.35 23.30 0.89
C GLU A 241 11.44 22.83 2.03
N GLU A 242 10.15 23.16 1.94
CA GLU A 242 9.21 22.83 2.97
C GLU A 242 8.21 21.76 2.47
N GLY A 243 8.47 21.16 1.29
CA GLY A 243 7.54 20.13 0.75
C GLY A 243 7.40 19.02 1.76
N VAL A 244 6.17 18.55 1.95
CA VAL A 244 5.94 17.53 2.99
C VAL A 244 6.66 16.25 2.62
N GLY A 245 7.35 15.71 3.64
CA GLY A 245 7.85 14.32 3.49
C GLY A 245 9.19 14.17 2.78
N ILE A 246 9.76 15.28 2.28
CA ILE A 246 10.99 15.16 1.51
C ILE A 246 12.18 14.92 2.42
N PRO A 247 12.93 13.87 2.13
CA PRO A 247 14.06 13.54 3.05
C PRO A 247 15.19 14.57 2.89
N ARG A 248 16.04 14.61 3.91
CA ARG A 248 17.08 15.64 3.97
C ARG A 248 18.50 15.07 3.80
N ILE A 249 18.57 13.79 3.44
CA ILE A 249 19.86 13.18 3.12
C ILE A 249 19.72 12.44 1.76
N PRO A 250 20.86 12.23 1.09
CA PRO A 250 20.83 11.47 -0.15
C PRO A 250 20.51 10.00 0.09
N VAL A 251 19.86 9.40 -0.91
CA VAL A 251 19.43 8.01 -0.86
C VAL A 251 19.61 7.50 -2.29
N HIS A 252 20.20 6.30 -2.44
CA HIS A 252 20.34 5.73 -3.78
C HIS A 252 20.34 4.21 -3.69
N PRO A 253 19.77 3.52 -4.67
CA PRO A 253 19.68 2.05 -4.62
C PRO A 253 20.68 1.38 -5.55
N ILE A 254 21.20 0.24 -5.11
CA ILE A 254 22.14 -0.55 -5.88
C ILE A 254 21.77 -2.03 -5.88
N GLY A 255 22.29 -2.76 -6.87
CA GLY A 255 22.08 -4.18 -6.90
C GLY A 255 23.09 -4.93 -6.02
N TYR A 256 22.93 -6.24 -5.91
CA TYR A 256 23.79 -6.94 -4.97
C TYR A 256 25.19 -7.18 -5.45
N ASN A 257 25.47 -7.12 -6.77
CA ASN A 257 26.88 -7.24 -7.16
C ASN A 257 27.65 -6.04 -6.60
N ASP A 258 27.07 -4.84 -6.74
CA ASP A 258 27.72 -3.65 -6.18
C ASP A 258 27.73 -3.66 -4.66
N ALA A 259 26.63 -4.08 -4.03
CA ALA A 259 26.60 -4.06 -2.58
C ALA A 259 27.66 -5.01 -2.02
N GLU A 260 27.87 -6.15 -2.67
CA GLU A 260 28.86 -7.11 -2.15
C GLU A 260 30.23 -6.43 -2.02
N ILE A 261 30.57 -5.60 -3.01
CA ILE A 261 31.85 -4.92 -3.02
C ILE A 261 31.94 -3.95 -1.86
N LEU A 262 30.84 -3.22 -1.60
CA LEU A 262 30.87 -2.25 -0.49
C LEU A 262 30.92 -2.92 0.90
N LEU A 263 30.25 -4.07 1.03
CA LEU A 263 30.14 -4.73 2.33
C LEU A 263 31.38 -5.57 2.64
N ARG A 264 32.09 -6.04 1.61
CA ARG A 264 33.12 -7.07 1.83
C ARG A 264 34.14 -6.76 2.89
N TYR A 265 34.64 -5.52 2.91
CA TYR A 265 35.71 -5.16 3.83
C TYR A 265 35.27 -4.39 5.05
N LEU A 266 33.96 -4.35 5.32
CA LEU A 266 33.56 -3.69 6.57
C LEU A 266 34.20 -4.36 7.76
N GLY A 267 34.65 -3.55 8.71
CA GLY A 267 35.31 -4.05 9.91
C GLY A 267 34.45 -3.82 11.13
N GLY A 268 35.11 -3.57 12.26
CA GLY A 268 34.36 -3.37 13.50
C GLY A 268 33.67 -4.64 14.01
N ILE A 269 32.51 -4.43 14.63
CA ILE A 269 31.87 -5.59 15.29
C ILE A 269 31.30 -6.57 14.32
N ALA A 270 31.36 -7.84 14.70
CA ALA A 270 30.72 -8.89 13.93
C ALA A 270 29.21 -8.68 13.91
N PRO A 271 28.54 -9.27 12.90
CA PRO A 271 27.05 -9.22 12.96
C PRO A 271 26.57 -9.82 14.29
N PRO A 272 25.52 -9.22 14.89
CA PRO A 272 25.20 -9.59 16.28
C PRO A 272 24.48 -10.93 16.43
N ASP A 273 23.83 -11.39 15.35
CA ASP A 273 23.14 -12.67 15.30
C ASP A 273 22.80 -12.92 13.85
N LYS A 274 22.33 -14.13 13.54
CA LYS A 274 22.04 -14.54 12.16
C LYS A 274 21.00 -13.70 11.45
N SER A 275 20.13 -13.05 12.21
CA SER A 275 19.06 -12.23 11.57
C SER A 275 19.62 -10.97 10.90
N TRP A 276 20.89 -10.65 11.18
CA TRP A 276 21.56 -9.50 10.52
C TRP A 276 22.34 -9.94 9.29
N LYS A 277 22.50 -11.25 9.04
CA LYS A 277 23.34 -11.73 7.95
CA LYS A 277 23.29 -11.72 7.90
C LYS A 277 22.43 -12.05 6.73
N GLY A 278 22.73 -11.48 5.59
CA GLY A 278 22.09 -11.83 4.34
C GLY A 278 22.81 -12.99 3.67
N ALA A 279 22.74 -13.06 2.36
CA ALA A 279 23.15 -14.23 1.66
C ALA A 279 24.39 -14.07 0.82
N LEU A 280 24.97 -12.84 0.79
CA LEU A 280 26.17 -12.60 0.02
C LEU A 280 27.35 -13.25 0.72
N ASN A 281 28.42 -13.44 -0.03
CA ASN A 281 29.65 -14.07 0.51
C ASN A 281 30.52 -13.01 1.19
N VAL A 282 29.94 -12.37 2.21
CA VAL A 282 30.62 -11.33 3.01
C VAL A 282 30.29 -11.56 4.45
N SER A 283 31.00 -10.88 5.34
CA SER A 283 30.85 -11.19 6.76
C SER A 283 29.60 -10.59 7.39
N TYR A 284 29.07 -9.52 6.81
CA TYR A 284 28.00 -8.78 7.46
C TYR A 284 28.43 -8.12 8.77
N SER A 285 29.74 -7.83 8.88
CA SER A 285 30.21 -6.97 9.94
C SER A 285 29.58 -5.57 9.83
N ILE A 286 29.57 -4.84 10.93
CA ILE A 286 28.75 -3.64 11.02
C ILE A 286 29.47 -2.36 10.59
N GLY A 287 30.81 -2.38 10.67
CA GLY A 287 31.54 -1.10 10.67
C GLY A 287 31.33 -0.39 11.98
N PRO A 288 31.73 0.89 12.07
CA PRO A 288 32.17 1.73 10.96
C PRO A 288 33.53 1.41 10.50
N GLY A 289 33.71 1.69 9.22
CA GLY A 289 34.99 1.61 8.60
C GLY A 289 35.37 0.25 8.01
N PHE A 290 36.45 0.24 7.24
CA PHE A 290 36.93 -0.95 6.55
C PHE A 290 38.17 -1.55 7.18
N THR A 291 38.42 -2.81 6.89
CA THR A 291 39.62 -3.53 7.34
C THR A 291 40.03 -4.51 6.26
N GLY A 292 41.34 -4.77 6.16
CA GLY A 292 41.80 -5.82 5.25
C GLY A 292 41.93 -5.41 3.79
N SER A 293 41.80 -4.11 3.50
CA SER A 293 41.89 -3.64 2.09
C SER A 293 43.07 -2.68 1.85
N SER A 295 43.10 -0.25 -0.08
CA SER A 295 42.71 0.97 -0.75
C SER A 295 41.33 1.43 -0.31
N PHE A 296 40.49 0.57 0.29
CA PHE A 296 39.16 1.04 0.67
C PHE A 296 39.23 1.83 1.99
N ARG A 297 38.93 3.14 1.91
CA ARG A 297 39.00 4.03 3.04
C ARG A 297 37.71 4.70 3.40
N LYS A 298 37.05 5.33 2.43
CA LYS A 298 35.80 6.05 2.74
C LYS A 298 34.79 5.76 1.62
N VAL A 299 33.53 5.93 1.95
CA VAL A 299 32.47 5.83 0.94
C VAL A 299 31.93 7.21 0.63
N ARG A 300 31.65 7.43 -0.64
CA ARG A 300 30.99 8.68 -1.07
CA ARG A 300 31.04 8.68 -1.11
C ARG A 300 29.70 8.38 -1.78
N MET A 301 28.72 9.24 -1.60
CA MET A 301 27.55 9.18 -2.50
C MET A 301 27.58 10.42 -3.37
N HIS A 302 26.97 10.30 -4.55
CA HIS A 302 26.85 11.45 -5.46
C HIS A 302 25.44 11.36 -6.05
N VAL A 303 24.51 12.16 -5.51
CA VAL A 303 23.09 12.01 -5.90
C VAL A 303 22.55 13.40 -6.25
N TYR A 304 22.09 13.54 -7.49
CA TYR A 304 21.65 14.88 -7.99
C TYR A 304 20.37 14.79 -8.79
N ASN A 305 19.44 14.00 -8.26
CA ASN A 305 18.11 14.00 -8.88
C ASN A 305 17.48 15.34 -8.77
N ILE A 306 16.60 15.64 -9.72
CA ILE A 306 15.95 16.93 -9.67
CA ILE A 306 15.92 16.94 -9.88
C ILE A 306 14.47 16.80 -9.41
N ASN A 307 13.98 17.71 -8.59
CA ASN A 307 12.55 17.75 -8.31
C ASN A 307 11.94 18.83 -9.17
N LYS A 308 10.82 18.55 -9.83
CA LYS A 308 10.23 19.47 -10.80
CA LYS A 308 10.19 19.59 -10.66
C LYS A 308 8.70 19.34 -10.75
N ILE A 309 7.96 20.45 -10.73
CA ILE A 309 6.50 20.38 -10.89
C ILE A 309 6.18 19.87 -12.30
N THR A 310 5.35 18.82 -12.38
CA THR A 310 5.13 18.11 -13.62
C THR A 310 3.64 17.78 -13.71
N ARG A 311 3.05 17.87 -14.92
CA ARG A 311 1.63 17.57 -15.08
C ARG A 311 1.42 16.05 -15.07
N ILE A 312 0.37 15.63 -14.35
CA ILE A 312 -0.05 14.22 -14.31
C ILE A 312 -1.50 14.15 -14.75
N TYR A 313 -1.91 12.95 -15.17
CA TYR A 313 -3.28 12.82 -15.76
C TYR A 313 -3.96 11.59 -15.21
N ASN A 314 -5.10 11.78 -14.53
CA ASN A 314 -5.94 10.63 -14.20
C ASN A 314 -6.95 10.47 -15.31
N VAL A 315 -7.36 9.23 -15.58
CA VAL A 315 -8.57 9.04 -16.45
C VAL A 315 -9.73 8.73 -15.50
N VAL A 316 -10.84 9.48 -15.61
CA VAL A 316 -11.96 9.29 -14.69
C VAL A 316 -13.19 9.12 -15.59
N GLY A 317 -13.87 7.99 -15.42
CA GLY A 317 -15.08 7.67 -16.21
C GLY A 317 -16.23 7.26 -15.30
N THR A 318 -17.44 7.21 -15.90
CA THR A 318 -18.58 6.90 -15.11
C THR A 318 -19.54 6.02 -15.87
N ILE A 319 -20.32 5.25 -15.11
CA ILE A 319 -21.63 4.73 -15.54
C ILE A 319 -22.63 5.21 -14.50
N ARG A 320 -23.54 6.13 -14.88
CA ARG A 320 -24.45 6.78 -13.94
CA ARG A 320 -24.40 6.79 -13.91
C ARG A 320 -25.56 5.85 -13.48
N GLY A 321 -25.86 5.94 -12.19
CA GLY A 321 -26.91 5.07 -11.64
C GLY A 321 -28.27 5.48 -12.14
N SER A 322 -29.15 4.47 -12.26
CA SER A 322 -30.51 4.75 -12.70
C SER A 322 -31.45 5.10 -11.55
N VAL A 323 -31.07 4.78 -10.31
CA VAL A 323 -31.99 4.98 -9.18
C VAL A 323 -31.33 5.96 -8.19
N GLU A 324 -30.06 5.70 -7.87
CA GLU A 324 -29.32 6.56 -6.92
C GLU A 324 -28.04 7.06 -7.59
N PRO A 325 -28.18 8.01 -8.56
CA PRO A 325 -26.97 8.50 -9.27
C PRO A 325 -26.05 9.29 -8.34
N ASP A 326 -26.52 9.71 -7.16
CA ASP A 326 -25.71 10.42 -6.20
C ASP A 326 -25.08 9.50 -5.15
N ARG A 327 -24.87 8.23 -5.53
CA ARG A 327 -24.15 7.28 -4.66
C ARG A 327 -23.10 6.59 -5.53
N TYR A 328 -21.88 6.41 -5.00
CA TYR A 328 -20.75 6.05 -5.86
C TYR A 328 -20.06 4.77 -5.38
N VAL A 329 -19.66 3.93 -6.34
CA VAL A 329 -18.69 2.87 -6.06
C VAL A 329 -17.53 3.14 -7.00
N ILE A 330 -16.34 3.27 -6.42
CA ILE A 330 -15.14 3.63 -7.20
C ILE A 330 -14.31 2.39 -7.45
N LEU A 331 -13.92 2.17 -8.73
CA LEU A 331 -12.95 1.14 -9.08
C LEU A 331 -11.74 1.89 -9.64
N GLY A 332 -10.65 1.92 -8.84
CA GLY A 332 -9.51 2.77 -9.22
C GLY A 332 -8.25 1.98 -9.17
N GLY A 333 -7.36 2.22 -10.13
CA GLY A 333 -6.05 1.55 -10.12
C GLY A 333 -5.03 2.46 -10.81
N HIS A 334 -3.76 2.43 -10.36
CA HIS A 334 -2.79 3.26 -11.03
C HIS A 334 -2.29 2.63 -12.33
N ARG A 335 -1.75 3.49 -13.20
CA ARG A 335 -1.20 2.98 -14.45
C ARG A 335 0.26 3.38 -14.62
N ASP A 336 0.79 4.31 -13.82
CA ASP A 336 2.21 4.67 -13.96
C ASP A 336 3.09 3.56 -13.38
N SER A 337 4.23 3.37 -14.03
CA SER A 337 5.18 2.36 -13.60
C SER A 337 6.56 2.91 -13.46
N TRP A 338 7.50 2.13 -12.92
CA TRP A 338 8.92 2.60 -12.91
C TRP A 338 9.58 2.33 -14.26
N VAL A 339 9.35 1.12 -14.82
CA VAL A 339 9.86 0.82 -16.17
C VAL A 339 8.68 0.28 -16.97
N PHE A 340 8.66 -1.02 -17.27
CA PHE A 340 7.48 -1.58 -18.00
C PHE A 340 6.36 -1.92 -17.01
N GLY A 341 6.71 -2.23 -15.77
CA GLY A 341 5.69 -2.49 -14.75
C GLY A 341 4.69 -3.60 -15.10
N ALA A 342 5.17 -4.72 -15.64
CA ALA A 342 4.22 -5.72 -16.12
C ALA A 342 3.40 -6.32 -14.98
N ILE A 343 3.98 -6.44 -13.79
CA ILE A 343 3.16 -6.81 -12.63
C ILE A 343 2.61 -5.51 -12.02
N ASP A 344 3.50 -4.64 -11.57
CA ASP A 344 3.10 -3.44 -10.84
C ASP A 344 3.23 -2.21 -11.76
N PRO A 345 2.09 -1.60 -12.18
CA PRO A 345 0.70 -1.94 -11.91
C PRO A 345 0.00 -2.59 -13.10
N THR A 346 0.76 -2.87 -14.17
CA THR A 346 0.07 -3.01 -15.44
C THR A 346 -0.82 -4.24 -15.48
N SER A 347 -0.51 -5.27 -14.67
CA SER A 347 -1.42 -6.40 -14.56
C SER A 347 -2.80 -5.90 -14.05
N GLY A 348 -2.81 -4.94 -13.11
CA GLY A 348 -4.05 -4.34 -12.67
C GLY A 348 -4.67 -3.43 -13.70
N VAL A 349 -3.85 -2.77 -14.54
CA VAL A 349 -4.37 -1.90 -15.58
C VAL A 349 -5.17 -2.79 -16.59
N ALA A 350 -4.60 -3.94 -16.93
CA ALA A 350 -5.24 -4.88 -17.85
C ALA A 350 -6.55 -5.42 -17.23
N VAL A 351 -6.53 -5.76 -15.94
CA VAL A 351 -7.76 -6.19 -15.24
C VAL A 351 -8.81 -5.10 -15.28
N LEU A 352 -8.42 -3.86 -15.01
CA LEU A 352 -9.41 -2.80 -15.00
C LEU A 352 -10.07 -2.63 -16.38
N GLN A 353 -9.28 -2.72 -17.46
CA GLN A 353 -9.89 -2.60 -18.78
C GLN A 353 -10.85 -3.75 -19.03
N GLU A 354 -10.51 -4.97 -18.62
CA GLU A 354 -11.45 -6.08 -18.88
C GLU A 354 -12.70 -5.96 -18.02
N ILE A 355 -12.58 -5.44 -16.79
CA ILE A 355 -13.78 -5.19 -15.99
C ILE A 355 -14.67 -4.15 -16.69
N ALA A 356 -14.06 -3.03 -17.11
CA ALA A 356 -14.87 -1.97 -17.76
C ALA A 356 -15.50 -2.53 -19.05
N ARG A 357 -14.76 -3.37 -19.77
CA ARG A 357 -15.33 -3.94 -21.02
C ARG A 357 -16.55 -4.81 -20.70
N SER A 358 -16.48 -5.58 -19.61
CA SER A 358 -17.59 -6.44 -19.25
C SER A 358 -18.82 -5.64 -18.76
N PHE A 359 -18.59 -4.54 -18.00
CA PHE A 359 -19.71 -3.69 -17.66
C PHE A 359 -20.31 -3.09 -18.95
N GLY A 360 -19.47 -2.71 -19.90
CA GLY A 360 -19.97 -2.18 -21.20
C GLY A 360 -20.83 -3.20 -21.89
N LYS A 361 -20.46 -4.50 -21.83
CA LYS A 361 -21.30 -5.51 -22.48
CA LYS A 361 -21.29 -5.54 -22.46
C LYS A 361 -22.66 -5.65 -21.79
N LEU A 362 -22.70 -5.54 -20.46
CA LEU A 362 -24.00 -5.51 -19.80
C LEU A 362 -24.84 -4.34 -20.32
N MET A 363 -24.21 -3.15 -20.40
CA MET A 363 -24.94 -1.96 -20.87
C MET A 363 -25.50 -2.14 -22.28
N SER A 364 -24.75 -2.85 -23.14
CA SER A 364 -25.18 -3.05 -24.54
C SER A 364 -26.48 -3.84 -24.63
N LYS A 365 -26.81 -4.57 -23.57
CA LYS A 365 -28.09 -5.34 -23.51
C LYS A 365 -29.15 -4.64 -22.65
N GLY A 366 -28.87 -3.38 -22.27
CA GLY A 366 -29.87 -2.53 -21.64
C GLY A 366 -29.76 -2.39 -20.14
N TRP A 367 -28.76 -3.03 -19.53
CA TRP A 367 -28.59 -2.91 -18.08
C TRP A 367 -28.05 -1.52 -17.70
N ARG A 368 -28.46 -1.02 -16.54
CA ARG A 368 -27.82 0.14 -15.95
C ARG A 368 -27.77 -0.12 -14.45
N PRO A 369 -26.67 0.27 -13.80
CA PRO A 369 -26.57 0.03 -12.34
C PRO A 369 -27.54 0.90 -11.55
N ARG A 370 -27.84 0.48 -10.32
CA ARG A 370 -28.68 1.26 -9.42
C ARG A 370 -27.95 2.58 -9.03
N ARG A 371 -26.72 2.42 -8.54
CA ARG A 371 -25.85 3.56 -8.12
C ARG A 371 -24.85 3.82 -9.25
N THR A 372 -24.02 4.85 -9.08
CA THR A 372 -23.05 5.23 -10.12
C THR A 372 -21.72 4.54 -9.89
N ILE A 373 -21.15 3.97 -10.95
CA ILE A 373 -19.81 3.47 -10.92
C ILE A 373 -18.86 4.56 -11.40
N ILE A 374 -17.80 4.83 -10.63
CA ILE A 374 -16.68 5.71 -11.07
C ILE A 374 -15.47 4.83 -11.35
N PHE A 375 -14.99 4.85 -12.61
CA PHE A 375 -13.73 4.18 -12.97
C PHE A 375 -12.60 5.19 -12.92
N ALA A 376 -11.44 4.77 -12.42
CA ALA A 376 -10.32 5.72 -12.37
C ALA A 376 -9.02 5.04 -12.67
N SER A 377 -8.26 5.63 -13.60
CA SER A 377 -6.87 5.17 -13.87
C SER A 377 -5.98 6.29 -13.31
N TRP A 378 -5.26 5.97 -12.22
CA TRP A 378 -4.57 7.02 -11.52
C TRP A 378 -3.14 7.17 -12.08
N ASP A 379 -2.64 8.40 -11.98
CA ASP A 379 -1.26 8.65 -12.34
C ASP A 379 -0.40 8.89 -11.05
N ALA A 380 0.91 8.79 -11.24
CA ALA A 380 1.91 9.15 -10.21
C ALA A 380 1.69 8.44 -8.88
N GLU A 381 1.14 7.24 -8.92
CA GLU A 381 1.07 6.46 -7.64
C GLU A 381 2.49 6.19 -7.13
N GLU A 382 3.41 5.97 -8.06
CA GLU A 382 4.76 5.52 -7.63
C GLU A 382 5.49 6.69 -6.96
N PHE A 383 4.98 7.90 -7.08
CA PHE A 383 5.61 9.07 -6.49
C PHE A 383 4.94 9.50 -5.20
N GLY A 384 4.06 8.65 -4.65
CA GLY A 384 3.43 8.97 -3.35
C GLY A 384 1.91 8.99 -3.44
N LEU A 385 1.30 8.14 -4.29
CA LEU A 385 -0.18 8.08 -4.37
C LEU A 385 -0.71 9.43 -4.85
N LEU A 386 0.04 10.10 -5.73
CA LEU A 386 -0.27 11.50 -5.97
C LEU A 386 -1.57 11.72 -6.76
N GLY A 387 -1.76 11.01 -7.88
CA GLY A 387 -2.96 11.29 -8.69
C GLY A 387 -4.23 10.90 -7.93
N SER A 388 -4.24 9.75 -7.22
CA SER A 388 -5.46 9.38 -6.51
C SER A 388 -5.74 10.31 -5.37
N THR A 389 -4.69 10.78 -4.70
CA THR A 389 -4.89 11.62 -3.51
C THR A 389 -5.32 13.05 -3.95
N GLU A 390 -4.72 13.58 -5.02
CA GLU A 390 -5.15 14.91 -5.46
C GLU A 390 -6.62 14.89 -5.93
N TRP A 391 -7.05 13.79 -6.57
CA TRP A 391 -8.45 13.72 -6.99
C TRP A 391 -9.35 13.61 -5.76
N ALA A 392 -8.94 12.86 -4.74
CA ALA A 392 -9.71 12.83 -3.50
C ALA A 392 -9.81 14.21 -2.87
N GLU A 393 -8.69 14.96 -2.90
CA GLU A 393 -8.70 16.31 -2.30
C GLU A 393 -9.60 17.23 -3.10
N GLU A 394 -9.61 17.09 -4.44
CA GLU A 394 -10.50 17.95 -5.26
C GLU A 394 -11.97 17.64 -4.97
N ASN A 395 -12.29 16.35 -4.85
CA ASN A 395 -13.67 15.93 -4.85
C ASN A 395 -14.20 15.51 -3.48
N VAL A 396 -13.42 15.84 -2.46
CA VAL A 396 -13.74 15.37 -1.12
C VAL A 396 -15.20 15.64 -0.70
N LYS A 397 -15.79 16.78 -1.04
CA LYS A 397 -17.13 17.08 -0.50
C LYS A 397 -18.16 16.09 -1.07
N ILE A 398 -18.10 15.82 -2.36
CA ILE A 398 -19.04 14.85 -2.89
C ILE A 398 -18.66 13.43 -2.52
N LEU A 399 -17.36 13.15 -2.43
CA LEU A 399 -16.95 11.76 -2.17
C LEU A 399 -17.32 11.38 -0.73
N GLN A 400 -17.12 12.27 0.25
CA GLN A 400 -17.36 11.86 1.62
C GLN A 400 -18.84 11.75 1.89
N GLU A 401 -19.70 12.42 1.13
CA GLU A 401 -21.14 12.35 1.40
C GLU A 401 -21.85 11.26 0.59
N ARG A 402 -21.20 10.71 -0.43
CA ARG A 402 -21.92 9.88 -1.40
C ARG A 402 -21.26 8.53 -1.70
N SER A 403 -20.01 8.30 -1.22
CA SER A 403 -19.33 7.07 -1.67
C SER A 403 -19.72 5.87 -0.82
N ILE A 404 -20.08 4.78 -1.50
CA ILE A 404 -20.30 3.52 -0.79
C ILE A 404 -18.96 2.83 -0.51
N ALA A 405 -18.08 2.73 -1.51
CA ALA A 405 -16.87 1.91 -1.37
C ALA A 405 -15.89 2.27 -2.44
N TYR A 406 -14.62 1.90 -2.19
CA TYR A 406 -13.52 2.01 -3.11
C TYR A 406 -12.89 0.62 -3.28
N ILE A 407 -12.81 0.12 -4.52
CA ILE A 407 -12.16 -1.16 -4.82
C ILE A 407 -10.91 -0.82 -5.66
N ASN A 408 -9.76 -1.29 -5.17
CA ASN A 408 -8.48 -0.97 -5.87
C ASN A 408 -8.27 -1.90 -7.05
N SER A 409 -7.44 -1.45 -7.99
CA SER A 409 -7.06 -2.30 -9.12
C SER A 409 -5.59 -2.15 -9.50
N ASP A 410 -4.75 -2.30 -8.48
CA ASP A 410 -3.27 -2.32 -8.62
CA ASP A 410 -3.30 -2.33 -8.68
C ASP A 410 -2.90 -3.75 -9.07
N SER A 411 -1.63 -4.11 -8.90
CA SER A 411 -1.12 -5.41 -9.35
CA SER A 411 -1.14 -5.39 -9.40
C SER A 411 -2.09 -6.54 -9.03
N SER A 412 -2.32 -7.42 -10.01
CA SER A 412 -3.22 -8.53 -9.75
C SER A 412 -2.47 -9.82 -9.43
N ILE A 413 -1.17 -9.87 -9.72
CA ILE A 413 -0.40 -11.17 -9.73
C ILE A 413 1.01 -11.03 -9.17
N GLU A 414 1.10 -10.92 -7.85
CA GLU A 414 2.43 -10.87 -7.20
C GLU A 414 3.07 -12.24 -6.87
N GLY A 415 2.32 -13.31 -7.08
CA GLY A 415 2.74 -14.68 -6.88
C GLY A 415 1.65 -15.55 -7.46
N ASN A 416 1.80 -16.86 -7.38
CA ASN A 416 0.80 -17.71 -8.03
C ASN A 416 0.24 -18.80 -7.10
N TYR A 417 0.26 -18.52 -5.80
CA TYR A 417 -0.14 -19.51 -4.83
C TYR A 417 -1.62 -19.42 -4.47
N THR A 418 -2.04 -18.24 -3.96
CA THR A 418 -3.46 -18.12 -3.63
C THR A 418 -3.85 -16.66 -3.57
N LEU A 419 -5.12 -16.42 -3.22
CA LEU A 419 -5.66 -15.06 -3.11
C LEU A 419 -5.17 -14.38 -1.84
N ARG A 420 -4.99 -13.05 -1.89
CA ARG A 420 -4.82 -12.24 -0.70
CA ARG A 420 -4.76 -12.19 -0.74
C ARG A 420 -5.86 -11.13 -0.79
N VAL A 421 -6.57 -10.92 0.32
CA VAL A 421 -7.57 -9.83 0.38
C VAL A 421 -7.24 -8.97 1.60
N ASP A 422 -7.32 -7.65 1.42
CA ASP A 422 -7.19 -6.72 2.53
C ASP A 422 -8.44 -5.80 2.42
N CYS A 423 -9.19 -5.68 3.51
CA CYS A 423 -10.39 -4.84 3.42
C CYS A 423 -10.95 -4.50 4.76
N THR A 424 -11.79 -3.49 4.82
CA THR A 424 -12.52 -3.18 6.06
C THR A 424 -13.43 -4.35 6.47
N PRO A 425 -13.66 -4.51 7.78
CA PRO A 425 -14.60 -5.56 8.22
C PRO A 425 -15.98 -5.45 7.58
N LEU A 426 -16.40 -4.25 7.17
CA LEU A 426 -17.71 -4.14 6.49
C LEU A 426 -17.87 -5.06 5.29
N LEU A 427 -16.73 -5.34 4.64
CA LEU A 427 -16.72 -6.07 3.38
C LEU A 427 -16.42 -7.58 3.52
N TYR A 428 -16.10 -8.07 4.72
CA TYR A 428 -15.74 -9.49 4.83
C TYR A 428 -16.82 -10.42 4.23
N GLN A 429 -18.06 -10.21 4.62
CA GLN A 429 -19.08 -11.21 4.20
CA GLN A 429 -19.21 -11.09 4.23
C GLN A 429 -19.31 -11.19 2.70
N LEU A 430 -19.27 -10.03 2.08
CA LEU A 430 -19.42 -9.93 0.64
C LEU A 430 -18.25 -10.62 -0.06
N VAL A 431 -17.02 -10.41 0.43
CA VAL A 431 -15.85 -11.08 -0.20
C VAL A 431 -16.03 -12.60 -0.14
N TYR A 432 -16.38 -13.11 1.04
CA TYR A 432 -16.53 -14.56 1.12
C TYR A 432 -17.62 -15.05 0.19
N LYS A 433 -18.76 -14.34 0.14
CA LYS A 433 -19.85 -14.83 -0.74
CA LYS A 433 -19.89 -14.69 -0.72
C LYS A 433 -19.45 -14.80 -2.20
N LEU A 434 -18.78 -13.76 -2.65
CA LEU A 434 -18.43 -13.71 -4.08
C LEU A 434 -17.39 -14.75 -4.48
N THR A 435 -16.39 -14.97 -3.60
CA THR A 435 -15.35 -15.97 -3.96
C THR A 435 -15.95 -17.38 -4.08
N LYS A 436 -17.08 -17.64 -3.43
CA LYS A 436 -17.74 -18.97 -3.58
C LYS A 436 -18.34 -19.17 -4.96
N GLU A 437 -18.54 -18.10 -5.70
CA GLU A 437 -19.22 -18.14 -6.99
C GLU A 437 -18.26 -17.92 -8.13
N ILE A 438 -16.96 -17.90 -7.83
CA ILE A 438 -15.90 -17.70 -8.85
C ILE A 438 -15.11 -18.99 -8.96
N PRO A 439 -14.99 -19.56 -10.19
CA PRO A 439 -14.20 -20.77 -10.26
C PRO A 439 -12.77 -20.58 -9.78
N SER A 440 -12.23 -21.55 -9.06
CA SER A 440 -10.83 -21.47 -8.66
C SER A 440 -9.94 -21.63 -9.88
N PRO A 441 -8.85 -20.83 -9.98
CA PRO A 441 -7.95 -21.02 -11.12
C PRO A 441 -6.81 -22.01 -10.83
N ASP A 442 -6.77 -22.54 -9.60
CA ASP A 442 -5.58 -23.28 -9.13
C ASP A 442 -5.59 -24.72 -9.67
N ASP A 443 -4.39 -25.19 -10.05
CA ASP A 443 -4.19 -26.61 -10.40
C ASP A 443 -4.71 -27.48 -9.27
N GLY A 444 -5.48 -28.51 -9.64
CA GLY A 444 -6.10 -29.41 -8.67
C GLY A 444 -7.44 -28.98 -8.08
N PHE A 445 -7.91 -27.77 -8.42
CA PHE A 445 -9.19 -27.27 -7.90
C PHE A 445 -10.19 -27.02 -9.02
N GLU A 446 -10.10 -27.84 -10.07
CA GLU A 446 -10.88 -27.56 -11.28
C GLU A 446 -12.40 -27.58 -11.14
N SER A 447 -12.95 -28.27 -10.14
CA SER A 447 -14.42 -28.19 -9.98
C SER A 447 -14.83 -27.46 -8.70
N LYS A 448 -13.91 -26.64 -8.18
CA LYS A 448 -14.14 -25.99 -6.89
CA LYS A 448 -14.08 -25.99 -6.87
C LYS A 448 -14.06 -24.49 -7.08
N SER A 449 -14.57 -23.79 -6.08
CA SER A 449 -14.54 -22.31 -6.09
C SER A 449 -13.24 -21.71 -5.58
N LEU A 450 -13.04 -20.43 -5.91
CA LEU A 450 -11.89 -19.68 -5.39
C LEU A 450 -11.92 -19.63 -3.85
N TYR A 451 -13.12 -19.56 -3.26
CA TYR A 451 -13.22 -19.59 -1.81
C TYR A 451 -12.60 -20.88 -1.26
N GLU A 452 -12.92 -22.00 -1.91
CA GLU A 452 -12.43 -23.30 -1.43
C GLU A 452 -10.90 -23.37 -1.47
N SER A 453 -10.28 -22.93 -2.57
CA SER A 453 -8.84 -23.04 -2.64
C SER A 453 -8.17 -22.04 -1.72
N TRP A 454 -8.75 -20.83 -1.62
CA TRP A 454 -8.22 -19.81 -0.70
C TRP A 454 -8.28 -20.26 0.78
N LEU A 455 -9.40 -20.85 1.17
CA LEU A 455 -9.55 -21.36 2.53
C LEU A 455 -8.50 -22.45 2.78
N GLU A 456 -8.31 -23.37 1.83
CA GLU A 456 -7.36 -24.46 2.07
C GLU A 456 -5.95 -23.88 2.22
N LYS A 457 -5.64 -22.83 1.45
CA LYS A 457 -4.28 -22.34 1.39
C LYS A 457 -3.91 -21.24 2.36
N ASP A 458 -4.89 -20.47 2.81
CA ASP A 458 -4.60 -19.42 3.77
C ASP A 458 -5.74 -19.21 4.78
N PRO A 459 -5.94 -20.19 5.70
CA PRO A 459 -7.02 -20.07 6.70
C PRO A 459 -6.71 -18.93 7.70
N SER A 460 -7.74 -18.27 8.20
CA SER A 460 -7.54 -17.15 9.13
C SER A 460 -7.06 -17.63 10.50
N PRO A 461 -6.11 -16.91 11.11
CA PRO A 461 -5.65 -17.28 12.47
C PRO A 461 -6.76 -17.15 13.49
N GLU A 462 -7.72 -16.25 13.30
CA GLU A 462 -8.82 -16.12 14.28
C GLU A 462 -10.02 -17.05 14.06
N ASN A 463 -10.06 -17.76 12.94
CA ASN A 463 -11.15 -18.69 12.66
C ASN A 463 -10.72 -19.61 11.53
N LYS A 464 -10.38 -20.85 11.84
CA LYS A 464 -9.82 -21.77 10.88
C LYS A 464 -10.78 -22.16 9.76
N ASN A 465 -12.07 -21.85 9.93
CA ASN A 465 -13.03 -22.18 8.91
CA ASN A 465 -13.03 -22.19 8.88
C ASN A 465 -13.34 -21.03 7.95
N LEU A 466 -12.55 -19.96 8.07
CA LEU A 466 -12.64 -18.77 7.15
C LEU A 466 -11.28 -18.44 6.57
N PRO A 467 -11.22 -17.99 5.28
CA PRO A 467 -9.94 -17.57 4.76
C PRO A 467 -9.46 -16.29 5.45
N ARG A 468 -8.15 -16.13 5.49
CA ARG A 468 -7.55 -14.93 6.09
C ARG A 468 -7.92 -13.65 5.28
N ILE A 469 -8.42 -12.63 5.96
CA ILE A 469 -8.51 -11.27 5.35
C ILE A 469 -7.69 -10.31 6.23
N ASN A 470 -6.78 -9.57 5.60
CA ASN A 470 -5.89 -8.64 6.31
C ASN A 470 -6.49 -7.27 6.51
N LYS A 471 -5.96 -6.51 7.48
CA LYS A 471 -6.34 -5.11 7.63
C LYS A 471 -5.76 -4.31 6.51
N LEU A 472 -6.36 -3.15 6.22
CA LEU A 472 -5.77 -2.18 5.28
C LEU A 472 -4.65 -1.36 5.90
N GLY A 473 -3.54 -1.32 5.20
CA GLY A 473 -2.50 -0.41 5.61
C GLY A 473 -2.40 0.73 4.60
N SER A 474 -1.21 0.84 3.96
CA SER A 474 -1.08 1.83 2.91
C SER A 474 -0.17 1.30 1.86
N GLY A 475 0.36 2.22 1.06
CA GLY A 475 1.19 1.92 -0.06
C GLY A 475 0.49 1.71 -1.38
N SER A 476 -0.83 1.98 -1.43
CA SER A 476 -1.50 2.02 -2.74
C SER A 476 -2.66 3.00 -2.65
N ASP A 477 -3.35 3.16 -3.78
CA ASP A 477 -4.21 4.32 -3.95
C ASP A 477 -5.50 4.36 -3.14
N PHE A 478 -5.86 3.27 -2.44
CA PHE A 478 -7.00 3.36 -1.53
C PHE A 478 -6.72 4.25 -0.32
N GLU A 479 -5.44 4.60 -0.07
CA GLU A 479 -5.11 5.23 1.21
C GLU A 479 -5.94 6.47 1.54
N ALA A 480 -6.03 7.42 0.59
CA ALA A 480 -6.75 8.63 0.95
C ALA A 480 -8.24 8.32 1.17
N TYR A 481 -8.78 7.43 0.36
CA TYR A 481 -10.22 7.11 0.42
C TYR A 481 -10.53 6.51 1.79
N PHE A 482 -9.69 5.58 2.26
CA PHE A 482 -10.00 4.88 3.52
C PHE A 482 -9.51 5.65 4.74
N GLN A 483 -8.20 5.95 4.77
CA GLN A 483 -7.64 6.48 5.99
C GLN A 483 -7.89 7.98 6.19
N ARG A 484 -8.11 8.74 5.09
CA ARG A 484 -8.47 10.14 5.25
C ARG A 484 -9.98 10.37 5.23
N LEU A 485 -10.66 9.74 4.26
CA LEU A 485 -12.10 10.06 4.04
C LEU A 485 -13.05 9.06 4.69
N GLY A 486 -12.58 7.87 5.10
CA GLY A 486 -13.51 6.90 5.74
C GLY A 486 -14.45 6.22 4.78
N ILE A 487 -13.99 5.96 3.56
CA ILE A 487 -14.80 5.22 2.58
C ILE A 487 -14.35 3.76 2.59
N ALA A 488 -15.32 2.85 2.86
CA ALA A 488 -15.01 1.44 2.94
C ALA A 488 -14.19 1.01 1.72
N SER A 489 -13.07 0.31 1.94
CA SER A 489 -12.19 -0.02 0.83
C SER A 489 -11.76 -1.48 0.85
N GLY A 490 -11.37 -1.97 -0.30
CA GLY A 490 -10.87 -3.35 -0.38
C GLY A 490 -9.92 -3.53 -1.53
N ARG A 491 -9.06 -4.54 -1.37
CA ARG A 491 -8.17 -4.92 -2.43
C ARG A 491 -8.00 -6.44 -2.45
N ALA A 492 -7.73 -6.98 -3.64
CA ALA A 492 -7.55 -8.40 -3.78
C ALA A 492 -6.55 -8.66 -4.88
N ARG A 493 -5.68 -9.66 -4.70
CA ARG A 493 -4.72 -10.02 -5.73
C ARG A 493 -4.20 -11.42 -5.45
N TYR A 494 -3.55 -12.03 -6.42
CA TYR A 494 -2.84 -13.31 -6.19
C TYR A 494 -1.51 -13.04 -5.57
N THR A 495 -1.08 -13.97 -4.70
CA THR A 495 0.11 -13.78 -3.93
CA THR A 495 0.21 -13.77 -4.04
C THR A 495 0.90 -15.09 -3.77
N LYS A 496 2.07 -14.97 -3.13
CA LYS A 496 2.95 -16.15 -2.86
C LYS A 496 2.47 -16.91 -1.62
N ASN A 497 3.07 -18.07 -1.39
CA ASN A 497 2.79 -18.87 -0.18
C ASN A 497 3.69 -18.36 0.96
N LYS A 498 3.11 -17.71 1.95
CA LYS A 498 3.91 -17.14 3.06
C LYS A 498 4.67 -18.20 3.87
N LYS A 499 4.11 -19.40 3.97
CA LYS A 499 4.70 -20.49 4.77
CA LYS A 499 4.72 -20.45 4.79
C LYS A 499 6.00 -21.00 4.17
N THR A 500 6.10 -20.96 2.84
CA THR A 500 7.25 -21.48 2.11
C THR A 500 8.12 -20.41 1.40
N ASP A 501 7.54 -19.24 1.07
CA ASP A 501 8.27 -18.23 0.31
C ASP A 501 8.61 -17.03 1.18
N LYS A 502 9.90 -16.87 1.45
CA LYS A 502 10.37 -15.94 2.47
C LYS A 502 10.97 -14.65 1.92
N TYR A 503 11.07 -14.56 0.59
CA TYR A 503 11.54 -13.34 -0.03
C TYR A 503 10.49 -12.22 0.16
N SER A 504 10.93 -10.94 0.10
CA SER A 504 10.02 -9.81 0.20
C SER A 504 9.38 -9.54 -1.17
N SER A 505 8.16 -8.99 -1.19
CA SER A 505 7.53 -8.59 -2.47
C SER A 505 7.68 -9.76 -3.45
N TYR A 506 8.23 -9.49 -4.62
CA TYR A 506 8.60 -10.56 -5.57
C TYR A 506 9.99 -10.12 -6.10
N PRO A 507 10.81 -11.05 -6.55
CA PRO A 507 12.24 -10.74 -6.80
C PRO A 507 12.49 -9.55 -7.69
N VAL A 508 11.71 -9.41 -8.80
CA VAL A 508 12.04 -8.37 -9.76
C VAL A 508 11.25 -7.06 -9.54
N TYR A 509 10.60 -6.96 -8.38
CA TYR A 509 9.79 -5.77 -8.04
C TYR A 509 10.58 -4.46 -8.29
N HIS A 510 9.93 -3.57 -9.07
CA HIS A 510 10.44 -2.22 -9.26
C HIS A 510 11.77 -2.20 -10.01
N THR A 511 12.04 -3.25 -10.77
CA THR A 511 13.24 -3.28 -11.62
C THR A 511 12.84 -3.27 -13.10
N ILE A 512 13.86 -3.19 -13.95
CA ILE A 512 13.63 -3.28 -15.39
CA ILE A 512 13.67 -3.28 -15.38
C ILE A 512 13.07 -4.62 -15.84
N TYR A 513 13.13 -5.63 -14.97
CA TYR A 513 12.78 -7.01 -15.41
C TYR A 513 11.30 -7.37 -15.20
N GLU A 514 10.48 -6.39 -14.82
CA GLU A 514 8.99 -6.59 -14.81
C GLU A 514 8.46 -6.51 -16.22
N THR A 515 8.55 -7.63 -16.94
CA THR A 515 8.20 -7.63 -18.35
C THR A 515 6.97 -8.52 -18.56
N PHE A 516 6.29 -8.30 -19.68
CA PHE A 516 5.20 -9.20 -20.08
C PHE A 516 5.69 -10.66 -20.07
N GLU A 517 6.91 -10.87 -20.54
CA GLU A 517 7.46 -12.24 -20.66
C GLU A 517 7.60 -12.88 -19.28
N LEU A 518 8.04 -12.10 -18.29
CA LEU A 518 8.10 -12.60 -16.92
C LEU A 518 6.73 -13.14 -16.45
N VAL A 519 5.68 -12.35 -16.67
CA VAL A 519 4.33 -12.73 -16.21
C VAL A 519 3.85 -13.98 -16.96
N GLU A 520 3.98 -13.97 -18.28
CA GLU A 520 3.44 -15.08 -19.03
C GLU A 520 4.23 -16.38 -18.84
N LYS A 521 5.55 -16.29 -18.75
CA LYS A 521 6.37 -17.51 -18.64
CA LYS A 521 6.38 -17.51 -18.65
C LYS A 521 6.33 -18.07 -17.23
N PHE A 522 6.41 -17.20 -16.21
CA PHE A 522 6.75 -17.68 -14.86
C PHE A 522 5.64 -17.55 -13.87
N TYR A 523 4.70 -16.61 -14.08
CA TYR A 523 3.68 -16.34 -13.07
C TYR A 523 2.33 -16.99 -13.38
N ASP A 524 1.86 -16.84 -14.63
CA ASP A 524 0.46 -17.23 -14.90
C ASP A 524 0.26 -17.41 -16.41
N PRO A 525 0.86 -18.45 -16.98
CA PRO A 525 0.85 -18.63 -18.42
C PRO A 525 -0.56 -18.67 -19.04
N THR A 526 -1.52 -19.26 -18.31
CA THR A 526 -2.90 -19.37 -18.81
C THR A 526 -3.72 -18.08 -18.59
N PHE A 527 -3.16 -17.15 -17.79
CA PHE A 527 -3.89 -15.94 -17.38
C PHE A 527 -5.13 -16.24 -16.55
N LYS A 528 -5.27 -17.49 -16.08
CA LYS A 528 -6.45 -17.82 -15.26
C LYS A 528 -6.41 -17.19 -13.89
N LYS A 529 -5.23 -17.05 -13.29
CA LYS A 529 -5.18 -16.47 -11.96
C LYS A 529 -5.52 -14.97 -12.01
N GLN A 530 -4.99 -14.28 -13.02
CA GLN A 530 -5.36 -12.87 -13.25
C GLN A 530 -6.86 -12.73 -13.56
N LEU A 531 -7.40 -13.71 -14.33
CA LEU A 531 -8.84 -13.67 -14.61
C LEU A 531 -9.64 -13.74 -13.30
N SER A 532 -9.23 -14.64 -12.38
CA SER A 532 -10.03 -14.78 -11.16
C SER A 532 -10.05 -13.49 -10.33
N VAL A 533 -8.92 -12.79 -10.37
CA VAL A 533 -8.83 -11.46 -9.69
C VAL A 533 -9.75 -10.40 -10.36
N ALA A 534 -9.77 -10.38 -11.69
CA ALA A 534 -10.68 -9.46 -12.38
C ALA A 534 -12.12 -9.78 -12.04
N GLN A 535 -12.45 -11.07 -11.99
CA GLN A 535 -13.83 -11.45 -11.68
C GLN A 535 -14.19 -11.01 -10.26
N LEU A 536 -13.29 -11.21 -9.30
CA LEU A 536 -13.62 -10.82 -7.94
C LEU A 536 -13.71 -9.25 -7.80
N ARG A 537 -12.75 -8.50 -8.37
CA ARG A 537 -12.82 -7.04 -8.27
C ARG A 537 -14.10 -6.54 -8.95
N GLY A 538 -14.43 -7.09 -10.13
CA GLY A 538 -15.64 -6.62 -10.81
C GLY A 538 -16.88 -7.00 -10.10
N ALA A 539 -16.93 -8.24 -9.57
CA ALA A 539 -18.14 -8.66 -8.85
C ALA A 539 -18.37 -7.85 -7.57
N LEU A 540 -17.26 -7.48 -6.91
CA LEU A 540 -17.41 -6.59 -5.76
C LEU A 540 -18.07 -5.25 -6.15
N VAL A 541 -17.53 -4.64 -7.21
CA VAL A 541 -18.12 -3.37 -7.67
C VAL A 541 -19.59 -3.57 -8.01
N TYR A 542 -19.89 -4.66 -8.75
CA TYR A 542 -21.28 -4.91 -9.14
C TYR A 542 -22.22 -5.00 -7.93
N GLU A 543 -21.84 -5.80 -6.94
CA GLU A 543 -22.75 -6.00 -5.82
C GLU A 543 -22.94 -4.71 -5.03
N LEU A 544 -21.86 -3.97 -4.85
CA LEU A 544 -21.95 -2.72 -4.10
C LEU A 544 -22.81 -1.69 -4.83
N VAL A 545 -22.71 -1.67 -6.16
CA VAL A 545 -23.37 -0.63 -6.94
C VAL A 545 -24.80 -0.99 -7.29
N ASP A 546 -25.15 -2.30 -7.31
CA ASP A 546 -26.46 -2.71 -7.81
C ASP A 546 -27.43 -3.22 -6.76
N SER A 547 -26.92 -3.63 -5.60
CA SER A 547 -27.82 -4.21 -4.59
CA SER A 547 -27.82 -4.22 -4.59
C SER A 547 -28.72 -3.15 -3.97
N LYS A 548 -30.01 -3.45 -3.81
CA LYS A 548 -30.88 -2.45 -3.20
C LYS A 548 -30.39 -2.09 -1.79
N ILE A 549 -30.10 -3.10 -0.96
CA ILE A 549 -29.50 -2.83 0.35
C ILE A 549 -27.96 -3.00 0.27
N ILE A 550 -27.20 -1.97 0.66
CA ILE A 550 -25.74 -2.06 0.56
C ILE A 550 -25.24 -3.30 1.32
N PRO A 551 -24.40 -4.12 0.68
CA PRO A 551 -24.02 -5.45 1.29
C PRO A 551 -22.82 -5.31 2.25
N PHE A 552 -23.03 -4.54 3.31
CA PHE A 552 -22.05 -4.51 4.43
C PHE A 552 -22.62 -5.26 5.62
N ASN A 553 -21.73 -5.77 6.47
CA ASN A 553 -22.21 -6.36 7.72
C ASN A 553 -21.51 -5.65 8.88
N ILE A 554 -22.30 -4.99 9.73
CA ILE A 554 -21.70 -4.21 10.82
C ILE A 554 -21.39 -5.11 12.03
N GLN A 555 -22.10 -6.25 12.18
CA GLN A 555 -21.69 -7.16 13.24
C GLN A 555 -20.26 -7.68 13.03
N ASP A 556 -19.80 -7.83 11.78
CA ASP A 556 -18.38 -8.21 11.59
C ASP A 556 -17.46 -7.11 12.08
N TYR A 557 -17.86 -5.85 11.93
CA TYR A 557 -17.05 -4.75 12.49
C TYR A 557 -17.02 -4.83 14.02
N ALA A 558 -18.17 -5.14 14.63
CA ALA A 558 -18.20 -5.26 16.07
C ALA A 558 -17.21 -6.33 16.56
N GLU A 559 -17.21 -7.46 15.87
CA GLU A 559 -16.28 -8.53 16.25
CA GLU A 559 -16.28 -8.54 16.31
C GLU A 559 -14.83 -8.11 16.07
N ALA A 560 -14.54 -7.38 14.99
CA ALA A 560 -13.18 -6.94 14.74
C ALA A 560 -12.76 -5.99 15.88
N LEU A 561 -13.65 -5.08 16.30
CA LEU A 561 -13.28 -4.15 17.40
C LEU A 561 -13.01 -4.90 18.71
N LYS A 562 -13.73 -5.99 18.95
CA LYS A 562 -13.45 -6.77 20.15
C LYS A 562 -12.05 -7.36 20.09
N ASN A 563 -11.65 -7.86 18.91
CA ASN A 563 -10.31 -8.39 18.72
C ASN A 563 -9.25 -7.31 18.91
N TYR A 564 -9.48 -6.14 18.32
CA TYR A 564 -8.46 -5.10 18.42
C TYR A 564 -8.34 -4.59 19.84
N ALA A 565 -9.47 -4.49 20.54
CA ALA A 565 -9.42 -4.02 21.94
C ALA A 565 -8.65 -5.01 22.81
N ALA A 566 -8.90 -6.30 22.61
CA ALA A 566 -8.13 -7.33 23.36
C ALA A 566 -6.63 -7.21 23.04
N SER A 567 -6.29 -6.99 21.78
CA SER A 567 -4.87 -6.92 21.38
C SER A 567 -4.16 -5.73 22.01
N ILE A 568 -4.76 -4.54 21.99
CA ILE A 568 -4.05 -3.38 22.53
C ILE A 568 -3.96 -3.52 24.05
N TYR A 569 -5.02 -4.04 24.68
CA TYR A 569 -4.98 -4.28 26.14
C TYR A 569 -3.88 -5.26 26.44
N ASN A 570 -3.77 -6.34 25.65
CA ASN A 570 -2.71 -7.35 25.92
C ASN A 570 -1.32 -6.70 25.82
N LEU A 571 -1.13 -5.78 24.86
CA LEU A 571 0.19 -5.12 24.71
CA LEU A 571 0.14 -5.07 24.68
C LEU A 571 0.51 -4.25 25.92
N SER A 572 -0.53 -3.84 26.63
N SER A 572 -0.50 -3.84 26.66
CA SER A 572 -0.37 -2.99 27.82
CA SER A 572 -0.27 -2.97 27.80
C SER A 572 0.06 -3.76 29.05
C SER A 572 -0.08 -3.74 29.12
N LYS A 573 -0.21 -5.07 29.09
CA LYS A 573 -0.04 -5.90 30.33
C LYS A 573 1.33 -5.81 30.95
N LYS A 574 2.37 -5.74 30.13
CA LYS A 574 3.73 -5.67 30.70
C LYS A 574 3.97 -4.35 31.45
N HIS A 575 3.07 -3.38 31.25
CA HIS A 575 3.13 -2.08 31.92
C HIS A 575 2.13 -1.98 33.04
N ASP A 576 1.57 -3.11 33.51
CA ASP A 576 0.53 -3.06 34.52
C ASP A 576 0.79 -2.14 35.73
N GLN A 577 1.98 -2.22 36.33
CA GLN A 577 2.24 -1.34 37.47
C GLN A 577 2.15 0.13 37.07
N GLN A 578 2.66 0.44 35.88
CA GLN A 578 2.60 1.85 35.41
C GLN A 578 1.18 2.29 35.12
N LEU A 579 0.36 1.38 34.56
CA LEU A 579 -1.07 1.72 34.37
C LEU A 579 -1.72 2.08 35.70
N THR A 580 -1.39 1.30 36.73
CA THR A 580 -1.94 1.55 38.04
C THR A 580 -1.44 2.89 38.59
N ASP A 581 -0.12 3.10 38.53
CA ASP A 581 0.51 4.29 39.13
C ASP A 581 0.08 5.58 38.45
N HIS A 582 -0.21 5.53 37.14
CA HIS A 582 -0.59 6.74 36.38
C HIS A 582 -2.10 6.85 36.13
N GLY A 583 -2.88 5.93 36.73
CA GLY A 583 -4.33 5.98 36.66
C GLY A 583 -4.85 5.79 35.23
N VAL A 584 -4.22 4.86 34.49
CA VAL A 584 -4.60 4.57 33.09
C VAL A 584 -5.53 3.34 33.09
N SER A 585 -6.69 3.44 32.46
CA SER A 585 -7.63 2.29 32.37
C SER A 585 -8.13 2.17 30.94
N PHE A 586 -8.32 0.92 30.50
CA PHE A 586 -9.02 0.64 29.26
C PHE A 586 -10.52 0.45 29.40
N ASP A 587 -11.08 0.67 30.59
CA ASP A 587 -12.48 0.39 30.82
C ASP A 587 -13.38 1.12 29.78
N SER A 588 -13.08 2.39 29.45
CA SER A 588 -13.97 3.12 28.57
C SER A 588 -13.94 2.51 27.18
N LEU A 589 -12.79 2.02 26.74
CA LEU A 589 -12.66 1.41 25.42
C LEU A 589 -13.50 0.13 25.40
N PHE A 590 -13.38 -0.70 26.42
CA PHE A 590 -14.18 -1.95 26.43
C PHE A 590 -15.67 -1.62 26.50
N SER A 591 -16.01 -0.58 27.25
CA SER A 591 -17.42 -0.18 27.33
C SER A 591 -17.98 0.30 25.96
N ALA A 592 -17.20 1.10 25.25
CA ALA A 592 -17.63 1.57 23.95
C ALA A 592 -17.78 0.36 23.01
N VAL A 593 -16.83 -0.59 23.06
CA VAL A 593 -16.94 -1.76 22.18
C VAL A 593 -18.19 -2.58 22.49
N LYS A 594 -18.54 -2.72 23.77
CA LYS A 594 -19.75 -3.43 24.14
C LYS A 594 -20.98 -2.67 23.59
N ASN A 595 -20.99 -1.35 23.73
CA ASN A 595 -22.13 -0.57 23.23
C ASN A 595 -22.24 -0.66 21.71
N PHE A 596 -21.08 -0.69 21.05
CA PHE A 596 -21.06 -0.78 19.58
C PHE A 596 -21.66 -2.15 19.18
N SER A 597 -21.28 -3.22 19.87
CA SER A 597 -21.77 -4.56 19.52
CA SER A 597 -21.77 -4.53 19.50
C SER A 597 -23.27 -4.62 19.66
N GLU A 598 -23.79 -4.03 20.74
CA GLU A 598 -25.25 -4.00 20.92
CA GLU A 598 -25.23 -3.95 20.95
C GLU A 598 -25.94 -3.20 19.82
N ALA A 599 -25.38 -2.04 19.47
CA ALA A 599 -25.98 -1.21 18.44
C ALA A 599 -25.92 -1.91 17.07
N ALA A 600 -24.84 -2.63 16.79
CA ALA A 600 -24.71 -3.31 15.50
C ALA A 600 -25.72 -4.48 15.40
N SER A 601 -25.92 -5.21 16.51
CA SER A 601 -26.89 -6.31 16.54
C SER A 601 -28.30 -5.71 16.34
N ASP A 602 -28.64 -4.65 17.10
CA ASP A 602 -29.93 -4.02 16.97
C ASP A 602 -30.16 -3.51 15.54
N PHE A 603 -29.11 -2.94 14.94
CA PHE A 603 -29.25 -2.38 13.60
C PHE A 603 -29.59 -3.50 12.61
N HIS A 604 -28.88 -4.62 12.68
CA HIS A 604 -29.17 -5.71 11.75
C HIS A 604 -30.55 -6.33 12.00
N LYS A 605 -30.98 -6.38 13.26
CA LYS A 605 -32.34 -6.84 13.54
C LYS A 605 -33.35 -5.92 12.85
N ARG A 606 -33.13 -4.60 12.88
CA ARG A 606 -34.11 -3.72 12.21
C ARG A 606 -33.96 -3.79 10.69
N LEU A 607 -32.72 -4.00 10.23
CA LEU A 607 -32.48 -3.97 8.76
C LEU A 607 -33.28 -5.08 8.08
N ILE A 608 -33.41 -6.25 8.71
CA ILE A 608 -34.14 -7.33 8.01
C ILE A 608 -35.64 -7.01 7.94
N GLN A 609 -36.11 -6.06 8.75
CA GLN A 609 -37.51 -5.66 8.75
C GLN A 609 -37.83 -4.53 7.76
N VAL A 610 -36.79 -3.94 7.13
CA VAL A 610 -37.13 -2.74 6.32
C VAL A 610 -38.14 -3.07 5.21
N ASP A 611 -39.06 -2.13 4.95
CA ASP A 611 -40.00 -2.36 3.81
C ASP A 611 -39.22 -2.04 2.52
N LEU A 612 -38.86 -3.08 1.76
CA LEU A 612 -38.07 -2.92 0.53
C LEU A 612 -38.81 -2.13 -0.51
N ASN A 613 -40.13 -2.01 -0.35
CA ASN A 613 -40.91 -1.20 -1.31
C ASN A 613 -41.12 0.24 -0.88
N ASN A 614 -40.47 0.67 0.20
CA ASN A 614 -40.57 2.04 0.68
C ASN A 614 -39.22 2.73 0.44
N PRO A 615 -39.13 3.49 -0.64
CA PRO A 615 -37.77 3.97 -0.98
C PRO A 615 -37.07 4.83 0.10
N ILE A 616 -37.85 5.64 0.84
CA ILE A 616 -37.18 6.44 1.90
C ILE A 616 -36.75 5.55 3.04
N ALA A 617 -37.52 4.53 3.39
CA ALA A 617 -37.08 3.65 4.47
C ALA A 617 -35.79 2.95 4.08
N VAL A 618 -35.69 2.53 2.82
CA VAL A 618 -34.48 1.86 2.34
C VAL A 618 -33.30 2.83 2.31
N ARG A 619 -33.52 4.03 1.80
CA ARG A 619 -32.44 5.02 1.68
C ARG A 619 -31.94 5.40 3.09
N MET A 620 -32.84 5.53 4.08
CA MET A 620 -32.33 5.88 5.40
C MET A 620 -31.41 4.83 5.96
N MET A 621 -31.80 3.56 5.79
CA MET A 621 -30.91 2.49 6.28
C MET A 621 -29.62 2.36 5.47
N ASN A 622 -29.72 2.55 4.13
CA ASN A 622 -28.50 2.59 3.34
C ASN A 622 -27.57 3.74 3.76
N ASP A 623 -28.14 4.88 4.13
CA ASP A 623 -27.27 5.97 4.60
C ASP A 623 -26.55 5.56 5.85
N GLN A 624 -27.22 4.84 6.77
CA GLN A 624 -26.50 4.37 7.97
C GLN A 624 -25.38 3.39 7.61
N LEU A 625 -25.65 2.47 6.64
CA LEU A 625 -24.57 1.56 6.20
C LEU A 625 -23.40 2.33 5.56
N MET A 626 -23.73 3.31 4.71
CA MET A 626 -22.69 4.07 4.00
C MET A 626 -21.89 4.93 4.98
N LEU A 627 -22.55 5.50 5.98
CA LEU A 627 -21.85 6.51 6.82
C LEU A 627 -21.16 5.88 8.05
N LEU A 628 -21.30 4.55 8.21
CA LEU A 628 -20.71 3.95 9.40
C LEU A 628 -19.17 4.09 9.38
N GLU A 629 -18.51 3.79 8.26
CA GLU A 629 -17.04 3.90 8.20
C GLU A 629 -16.64 5.35 8.44
N ARG A 630 -17.48 6.31 7.99
CA ARG A 630 -17.14 7.71 8.18
C ARG A 630 -17.10 8.07 9.65
N ALA A 631 -17.83 7.37 10.50
CA ALA A 631 -17.86 7.80 11.89
C ALA A 631 -16.51 7.66 12.55
N PHE A 632 -15.63 6.78 12.02
CA PHE A 632 -14.31 6.57 12.61
C PHE A 632 -13.29 7.65 12.25
N ILE A 633 -13.68 8.60 11.39
CA ILE A 633 -12.76 9.66 10.90
C ILE A 633 -12.79 10.86 11.86
N ASP A 634 -11.62 11.19 12.40
CA ASP A 634 -11.49 12.35 13.32
C ASP A 634 -10.79 13.48 12.56
N PRO A 635 -11.49 14.62 12.34
CA PRO A 635 -10.87 15.68 11.56
C PRO A 635 -9.58 16.22 12.19
N LEU A 636 -9.35 15.98 13.49
CA LEU A 636 -8.12 16.47 14.12
C LEU A 636 -6.93 15.60 13.72
N GLY A 637 -7.18 14.41 13.12
CA GLY A 637 -6.08 13.54 12.72
C GLY A 637 -5.38 12.87 13.88
N LEU A 638 -4.29 12.19 13.57
CA LEU A 638 -3.46 11.52 14.56
C LEU A 638 -2.23 12.41 14.85
N PRO A 639 -1.54 12.19 15.99
CA PRO A 639 -0.46 13.08 16.37
C PRO A 639 0.56 13.22 15.22
N GLY A 640 0.85 14.45 14.81
CA GLY A 640 1.79 14.75 13.76
C GLY A 640 1.35 14.35 12.36
N LYS A 641 0.09 13.88 12.21
CA LYS A 641 -0.36 13.28 10.92
CA LYS A 641 -0.36 13.29 10.92
C LYS A 641 -1.79 13.75 10.65
N LEU A 642 -1.90 14.93 10.06
CA LEU A 642 -3.19 15.53 9.80
C LEU A 642 -4.04 14.70 8.87
N PHE A 643 -3.39 13.88 8.03
CA PHE A 643 -4.13 13.23 6.93
C PHE A 643 -4.40 11.75 7.18
N TYR A 644 -4.00 11.23 8.36
CA TYR A 644 -4.45 9.94 8.83
C TYR A 644 -5.50 10.20 9.91
N ARG A 645 -6.75 9.99 9.54
CA ARG A 645 -7.86 10.42 10.39
C ARG A 645 -8.65 9.23 10.95
N HIS A 646 -8.40 8.02 10.44
CA HIS A 646 -9.22 6.87 10.92
C HIS A 646 -8.68 6.46 12.28
N ILE A 647 -9.54 6.38 13.27
CA ILE A 647 -9.13 6.07 14.63
C ILE A 647 -8.94 4.55 14.83
N ILE A 648 -9.56 3.72 13.97
CA ILE A 648 -9.39 2.28 14.16
C ILE A 648 -8.15 1.79 13.41
N PHE A 649 -7.91 2.32 12.21
CA PHE A 649 -6.77 1.84 11.41
C PHE A 649 -5.85 3.02 10.99
N ALA A 650 -4.54 2.85 10.99
CA ALA A 650 -3.66 3.77 10.23
C ALA A 650 -2.50 2.95 9.71
N PRO A 651 -1.83 3.45 8.67
CA PRO A 651 -0.53 2.79 8.28
C PRO A 651 0.42 2.82 9.46
N SER A 652 1.13 1.72 9.67
CA SER A 652 2.06 1.68 10.79
CA SER A 652 2.06 1.67 10.78
C SER A 652 3.11 2.78 10.67
N SER A 653 3.42 3.44 11.79
CA SER A 653 4.44 4.47 11.84
CA SER A 653 4.42 4.49 11.77
C SER A 653 5.81 3.92 11.51
N HIS A 654 5.93 2.59 11.62
CA HIS A 654 7.19 1.89 11.37
C HIS A 654 7.31 1.26 9.99
N ASN A 655 6.20 1.21 9.25
CA ASN A 655 6.14 0.54 7.98
C ASN A 655 4.82 0.90 7.32
N LYS A 656 4.84 1.88 6.38
CA LYS A 656 3.64 2.36 5.74
CA LYS A 656 3.54 2.33 5.90
C LYS A 656 2.80 1.23 5.13
N TYR A 657 3.45 0.15 4.69
CA TYR A 657 2.70 -0.95 4.04
C TYR A 657 1.77 -1.70 4.97
N ALA A 658 2.09 -1.71 6.27
CA ALA A 658 1.30 -2.52 7.24
C ALA A 658 0.23 -1.70 7.88
N GLY A 659 -0.94 -2.28 8.10
CA GLY A 659 -1.95 -1.56 8.89
C GLY A 659 -1.78 -1.81 10.37
N GLU A 660 -2.08 -0.78 11.18
CA GLU A 660 -2.04 -0.89 12.63
C GLU A 660 -3.43 -0.58 13.18
N SER A 661 -3.94 -1.38 14.11
CA SER A 661 -5.21 -1.08 14.78
CA SER A 661 -5.21 -1.04 14.77
C SER A 661 -5.01 -0.20 16.03
N PHE A 662 -6.03 0.61 16.34
CA PHE A 662 -5.94 1.61 17.39
C PHE A 662 -4.57 2.32 17.33
N PRO A 663 -4.25 2.93 16.18
CA PRO A 663 -2.90 3.53 15.98
C PRO A 663 -2.60 4.62 17.03
N GLY A 664 -3.59 5.40 17.47
CA GLY A 664 -3.30 6.46 18.46
C GLY A 664 -2.82 5.85 19.78
N ILE A 665 -3.45 4.75 20.19
CA ILE A 665 -3.05 4.09 21.45
C ILE A 665 -1.70 3.38 21.21
N TYR A 666 -1.60 2.65 20.08
CA TYR A 666 -0.38 1.89 19.83
C TYR A 666 0.83 2.80 19.86
N ASP A 667 0.77 3.92 19.16
CA ASP A 667 1.95 4.77 19.08
C ASP A 667 2.25 5.43 20.45
N ALA A 668 1.20 5.69 21.24
CA ALA A 668 1.45 6.29 22.55
C ALA A 668 2.15 5.31 23.47
N ILE A 669 1.81 4.02 23.37
CA ILE A 669 2.43 3.08 24.29
CA ILE A 669 2.38 2.94 24.24
C ILE A 669 3.76 2.48 23.75
N PHE A 670 4.00 2.59 22.46
CA PHE A 670 5.22 2.06 21.86
C PHE A 670 6.49 2.64 22.48
N ASP A 671 7.36 1.73 22.97
CA ASP A 671 8.67 2.11 23.55
C ASP A 671 8.49 3.06 24.69
N ILE A 672 7.34 2.99 25.39
CA ILE A 672 7.05 4.00 26.44
C ILE A 672 8.08 3.98 27.59
N GLU A 673 8.67 2.82 27.84
CA GLU A 673 9.58 2.67 28.96
C GLU A 673 10.83 3.53 28.72
N ASN A 674 11.08 3.93 27.47
CA ASN A 674 12.24 4.79 27.15
C ASN A 674 11.94 6.29 26.99
N LYS A 675 10.67 6.68 27.20
CA LYS A 675 10.34 8.10 27.15
C LYS A 675 10.95 8.84 28.31
N ALA A 676 11.46 10.04 28.07
CA ALA A 676 12.10 10.84 29.13
C ALA A 676 11.18 11.19 30.28
N ASN A 677 9.93 11.52 29.95
CA ASN A 677 8.99 12.01 30.96
C ASN A 677 7.83 11.03 31.04
N SER A 678 7.83 10.15 32.05
CA SER A 678 6.80 9.11 32.18
C SER A 678 5.42 9.68 32.45
N ARG A 679 5.33 10.72 33.25
CA ARG A 679 4.01 11.32 33.55
C ARG A 679 3.36 11.82 32.25
N LEU A 680 4.12 12.55 31.43
CA LEU A 680 3.61 13.07 30.17
CA LEU A 680 3.61 13.06 30.17
C LEU A 680 3.27 11.91 29.23
N ALA A 681 4.12 10.89 29.18
CA ALA A 681 3.89 9.76 28.23
C ALA A 681 2.60 9.03 28.56
N TRP A 682 2.36 8.75 29.85
CA TRP A 682 1.14 8.03 30.23
C TRP A 682 -0.14 8.87 30.02
N LYS A 683 -0.01 10.19 30.16
CA LYS A 683 -1.17 11.07 29.88
C LYS A 683 -1.51 10.99 28.40
N GLU A 684 -0.49 10.88 27.53
N GLU A 684 -0.52 10.83 27.54
CA GLU A 684 -0.75 10.67 26.07
CA GLU A 684 -0.84 10.68 26.12
C GLU A 684 -1.50 9.36 25.84
C GLU A 684 -1.52 9.34 25.83
N VAL A 685 -1.12 8.29 26.55
CA VAL A 685 -1.86 7.03 26.40
C VAL A 685 -3.32 7.24 26.83
N LYS A 686 -3.54 7.90 27.96
CA LYS A 686 -4.91 8.17 28.41
CA LYS A 686 -4.88 8.22 28.44
C LYS A 686 -5.70 8.98 27.39
N LYS A 687 -5.07 9.95 26.73
CA LYS A 687 -5.76 10.75 25.73
CA LYS A 687 -5.70 10.76 25.71
C LYS A 687 -6.24 9.87 24.60
N HIS A 688 -5.35 9.01 24.09
CA HIS A 688 -5.77 8.20 22.90
C HIS A 688 -6.75 7.09 23.25
N ILE A 689 -6.69 6.52 24.45
CA ILE A 689 -7.74 5.62 24.87
C ILE A 689 -9.10 6.35 24.89
N SER A 690 -9.11 7.56 25.43
CA SER A 690 -10.33 8.32 25.53
C SER A 690 -10.88 8.63 24.11
N ILE A 691 -10.00 9.05 23.20
CA ILE A 691 -10.48 9.35 21.86
C ILE A 691 -11.02 8.09 21.19
N ALA A 692 -10.36 6.96 21.37
CA ALA A 692 -10.87 5.72 20.73
C ALA A 692 -12.24 5.32 21.31
N ALA A 693 -12.38 5.46 22.64
CA ALA A 693 -13.68 5.13 23.24
C ALA A 693 -14.80 6.02 22.69
N PHE A 694 -14.53 7.34 22.68
CA PHE A 694 -15.55 8.27 22.16
C PHE A 694 -15.89 7.89 20.72
N THR A 695 -14.87 7.63 19.91
CA THR A 695 -15.13 7.47 18.47
C THR A 695 -16.00 6.25 18.22
N ILE A 696 -15.70 5.16 18.95
CA ILE A 696 -16.52 3.94 18.81
C ILE A 696 -17.95 4.19 19.32
N GLN A 697 -18.10 4.89 20.44
CA GLN A 697 -19.42 5.19 20.95
C GLN A 697 -20.18 6.06 19.94
N ALA A 698 -19.49 7.06 19.34
CA ALA A 698 -20.16 7.92 18.36
C ALA A 698 -20.63 7.10 17.15
N ALA A 699 -19.74 6.21 16.70
CA ALA A 699 -20.10 5.30 15.57
C ALA A 699 -21.36 4.48 15.94
N ALA A 700 -21.38 3.92 17.15
CA ALA A 700 -22.57 3.17 17.60
C ALA A 700 -23.79 4.06 17.53
N GLY A 701 -23.63 5.33 17.95
CA GLY A 701 -24.76 6.26 17.94
C GLY A 701 -25.34 6.48 16.55
N THR A 702 -24.53 6.35 15.50
CA THR A 702 -25.06 6.55 14.16
C THR A 702 -25.97 5.41 13.74
N LEU A 703 -25.94 4.28 14.44
CA LEU A 703 -26.77 3.14 14.08
C LEU A 703 -28.12 3.17 14.75
N LYS A 704 -28.25 3.94 15.81
CA LYS A 704 -29.44 3.92 16.63
CA LYS A 704 -29.42 4.01 16.66
CA LYS A 704 -29.44 3.94 16.66
C LYS A 704 -30.68 4.41 15.88
N GLU A 705 -31.81 3.86 16.28
CA GLU A 705 -33.05 4.21 15.69
C GLU A 705 -33.54 5.54 16.17
N VAL A 706 -33.33 5.85 17.45
CA VAL A 706 -33.82 7.18 17.87
C VAL A 706 -32.76 7.90 18.65
C1 NAG B . -21.91 2.51 27.09
C2 NAG B . -21.22 3.84 27.49
C3 NAG B . -21.33 3.91 29.04
C4 NAG B . -22.78 3.83 29.50
C5 NAG B . -23.46 2.61 28.85
C6 NAG B . -24.96 2.60 29.17
C7 NAG B . -19.25 4.90 26.59
C8 NAG B . -17.78 4.77 26.30
N2 NAG B . -19.83 3.81 27.14
O3 NAG B . -20.75 5.16 29.44
O4 NAG B . -22.81 3.57 30.94
O5 NAG B . -23.27 2.62 27.43
O6 NAG B . -25.53 3.74 28.57
O7 NAG B . -19.87 5.94 26.25
C1 NAG B . -22.93 4.74 31.76
C2 NAG B . -23.73 4.34 33.00
C3 NAG B . -23.74 5.55 33.93
C4 NAG B . -22.32 6.06 34.24
C5 NAG B . -21.53 6.22 32.97
C6 NAG B . -20.06 6.38 33.25
C7 NAG B . -25.42 2.54 32.69
C8 NAG B . -24.38 1.48 32.95
N2 NAG B . -25.08 3.84 32.73
O3 NAG B . -24.35 5.15 35.13
O4 NAG B . -22.32 7.35 34.89
O5 NAG B . -21.65 5.03 32.18
O6 NAG B . -19.47 6.72 32.00
O7 NAG B . -26.61 2.19 32.44
C1 NAG C . 21.69 18.87 -14.32
C2 NAG C . 21.13 20.20 -13.86
C3 NAG C . 21.97 21.36 -14.47
C4 NAG C . 23.47 21.16 -14.24
C5 NAG C . 23.88 19.76 -14.69
C6 NAG C . 25.33 19.43 -14.38
C7 NAG C . 18.76 20.78 -13.33
C8 NAG C . 17.34 20.90 -13.86
N2 NAG C . 19.70 20.36 -14.19
O3 NAG C . 21.48 22.57 -13.96
O4 NAG C . 24.23 22.12 -15.00
O5 NAG C . 23.05 18.81 -13.95
O6 NAG C . 25.51 19.70 -13.00
O7 NAG C . 19.00 21.10 -12.15
C1 NAG D . 26.86 10.14 18.51
C2 NAG D . 26.61 10.61 19.96
C3 NAG D . 26.43 12.13 20.04
C4 NAG D . 27.42 12.93 19.20
C5 NAG D . 27.50 12.36 17.78
C6 NAG D . 28.46 13.16 16.89
C7 NAG D . 25.10 8.83 21.03
C8 NAG D . 26.15 7.76 21.14
N2 NAG D . 25.37 10.03 20.51
O3 NAG D . 26.53 12.54 21.39
O4 NAG D . 26.96 14.26 19.16
O5 NAG D . 27.80 10.97 17.82
O6 NAG D . 29.80 12.70 16.89
O7 NAG D . 23.97 8.53 21.42
C1 NAG E . 4.10 -20.49 -10.49
C2 NAG E . 5.35 -20.30 -9.65
C3 NAG E . 6.33 -21.41 -9.97
C4 NAG E . 5.67 -22.80 -9.80
C5 NAG E . 4.35 -22.85 -10.56
C6 NAG E . 3.56 -24.16 -10.35
C7 NAG E . 6.21 -18.05 -9.14
C8 NAG E . 6.74 -16.79 -9.79
N2 NAG E . 5.92 -19.00 -10.02
O3 NAG E . 7.44 -21.22 -9.10
O4 NAG E . 6.52 -23.82 -10.30
O5 NAG E . 3.52 -21.75 -10.20
O6 NAG E . 3.27 -24.27 -8.95
O7 NAG E . 6.08 -18.21 -7.92
ZN ZN F . 5.10 0.24 -7.43
ZN ZN G . 1.47 -0.45 -7.75
CL CL H . -4.88 -3.93 -5.61
CA CA I . -2.61 18.38 -2.75
N GLU J . 3.32 1.64 -4.20
CA GLU J . 4.57 2.53 -4.26
C GLU J . 5.71 1.89 -3.55
O GLU J . 6.87 2.30 -3.76
CB GLU J . 4.31 3.92 -3.71
CG GLU J . 3.78 3.82 -2.26
CD GLU J . 3.72 5.13 -1.49
OE1 GLU J . 4.39 6.09 -1.92
OE2 GLU J . 2.98 5.19 -0.46
OXT GLU J . 5.42 1.01 -2.67
C1 GOL K . -17.36 -22.63 -9.58
O1 GOL K . -16.76 -23.50 -8.62
C2 GOL K . -18.03 -21.47 -8.87
O2 GOL K . -18.35 -21.84 -7.56
C3 GOL K . -19.31 -21.09 -9.62
O3 GOL K . -19.01 -20.73 -10.95
C1 GOL L . -9.97 -13.35 8.80
O1 GOL L . -8.61 -13.05 8.98
C2 GOL L . -10.80 -12.09 8.72
O2 GOL L . -10.07 -11.08 9.36
C3 GOL L . -12.09 -12.28 9.49
O3 GOL L . -12.89 -13.19 8.81
C1 GOL M . -18.67 -3.28 29.68
O1 GOL M . -17.39 -2.95 29.31
C2 GOL M . -19.18 -2.09 30.44
O2 GOL M . -19.94 -2.67 31.43
C3 GOL M . -20.08 -1.33 29.46
O3 GOL M . -20.48 -0.08 29.98
C1 GOL N . -3.45 15.96 16.71
O1 GOL N . -2.38 16.12 17.62
C2 GOL N . -4.64 15.33 17.39
O2 GOL N . -4.98 16.19 18.48
C3 GOL N . -4.23 13.89 17.83
O3 GOL N . -5.24 13.32 18.66
C1 GOL O . 0.43 -11.67 -26.01
O1 GOL O . 0.74 -12.86 -26.70
C2 GOL O . -0.87 -10.99 -26.44
O2 GOL O . -1.99 -11.83 -26.41
C3 GOL O . -0.66 -10.25 -27.76
O3 GOL O . -1.84 -9.67 -28.22
#